data_8XDI
#
_entry.id   8XDI
#
loop_
_entity.id
_entity.type
_entity.pdbx_description
1 polymer 'Urea transporter'
2 non-polymer N-(4-acetamidophenyl)-5-ethanoyl-furan-2-carboxamide
#
_entity_poly.entity_id   1
_entity_poly.type   'polypeptide(L)'
_entity_poly.pdbx_seq_one_letter_code
;MANPVHKITDEKKQQGLEKINSGQRFKANLIKWVSFISGDMAAFGEWMKGQFILLQIMDWVLRGAAQVMFVNNPLSGLII
FAGLILQNRWWALNGFVGTVFATISALILCQNRGAIAAGLYGYNGILVGLLMAVFSNAGDWYWWLLLPNIFMSMACPIVS
SALASINSRWDLPVFTLPFNILVCLHMVATGHYNQYFPQILIQPTTSMSNLTWSELDYAQLFRSIPVGIGQVYGCDNAWT
GGIFMIALFISSPITFAHATIGSAVGMVSGLALAAPFKNIYMGLWGYNCVLACIAIGGMFYALTWQTHLLAVACAFFCAY
LGSAIGNVMSNFGLPACTWPFCLSALTFLLITTETKFIHKLPLAKVAYPEQNLRYYWKMKKEEKTQKGIQAKDTESQLEK
EQISISMEKKDLDICTVDVQQEENTL
;
_entity_poly.pdbx_strand_id   A,B,C
#
loop_
_chem_comp.id
_chem_comp.type
_chem_comp.name
_chem_comp.formula
A1LU9 non-polymer N-(4-acetamidophenyl)-5-ethanoyl-furan-2-carboxamide 'C15 H14 N2 O4'
#
# COMPACT_ATOMS: atom_id res chain seq x y z
N LYS A 27 25.62 36.46 34.06
CA LYS A 27 24.44 35.73 34.48
C LYS A 27 23.27 35.96 33.52
N ALA A 28 22.84 37.19 33.38
CA ALA A 28 21.71 37.47 32.51
C ALA A 28 22.15 37.26 31.08
N ASN A 29 23.44 37.44 30.82
CA ASN A 29 23.95 37.28 29.47
C ASN A 29 23.92 35.83 29.05
N LEU A 30 24.32 34.94 29.95
CA LEU A 30 24.30 33.52 29.66
C LEU A 30 22.87 33.07 29.42
N ILE A 31 21.94 33.56 30.24
CA ILE A 31 20.54 33.20 30.08
C ILE A 31 20.00 33.67 28.75
N LYS A 32 20.36 34.89 28.34
CA LYS A 32 19.90 35.43 27.07
C LYS A 32 20.44 34.60 25.91
N TRP A 33 21.71 34.22 25.99
CA TRP A 33 22.30 33.41 24.94
C TRP A 33 21.61 32.06 24.86
N VAL A 34 21.31 31.47 26.02
CA VAL A 34 20.64 30.19 26.05
C VAL A 34 19.26 30.29 25.43
N SER A 35 18.54 31.37 25.72
CA SER A 35 17.22 31.56 25.14
C SER A 35 17.29 31.70 23.63
N PHE A 36 18.39 32.31 23.15
CA PHE A 36 18.62 32.54 21.71
C PHE A 36 19.03 31.37 20.83
N ILE A 37 19.81 30.45 21.35
CA ILE A 37 20.19 29.27 20.63
C ILE A 37 19.24 28.17 20.93
N SER A 38 18.16 28.49 21.60
CA SER A 38 17.22 27.48 21.98
C SER A 38 15.97 27.48 21.23
N GLY A 39 15.65 26.34 20.70
CA GLY A 39 14.45 26.21 19.97
C GLY A 39 14.60 26.81 18.65
N ASP A 40 13.54 26.79 17.89
CA ASP A 40 13.59 27.49 16.62
C ASP A 40 14.12 28.90 16.85
N MET A 41 15.20 29.25 16.16
CA MET A 41 15.81 30.57 16.31
C MET A 41 14.91 31.59 15.64
N ALA A 42 13.92 32.06 16.40
CA ALA A 42 12.99 33.06 15.86
C ALA A 42 13.71 34.34 15.50
N ALA A 43 14.60 34.82 16.38
CA ALA A 43 15.34 36.04 16.09
C ALA A 43 16.26 35.85 14.89
N PHE A 44 16.99 34.73 14.87
CA PHE A 44 17.87 34.45 13.74
C PHE A 44 17.08 34.26 12.46
N GLY A 45 15.94 33.58 12.53
CA GLY A 45 15.13 33.40 11.35
C GLY A 45 14.58 34.71 10.80
N GLU A 46 14.12 35.59 11.69
CA GLU A 46 13.64 36.90 11.25
C GLU A 46 14.78 37.72 10.65
N TRP A 47 16.00 37.58 11.09
CA TRP A 47 17.08 38.33 10.49
C TRP A 47 17.49 37.81 9.18
N MET A 48 17.44 36.52 9.01
CA MET A 48 17.92 35.92 7.81
C MET A 48 17.21 36.39 6.60
N LYS A 49 15.95 36.72 6.74
CA LYS A 49 15.21 37.03 5.58
C LYS A 49 15.90 38.19 4.90
N GLY A 50 16.41 39.10 5.69
CA GLY A 50 17.15 40.19 5.13
C GLY A 50 18.43 39.89 4.41
N GLN A 51 19.25 39.00 4.92
CA GLN A 51 20.53 38.81 4.29
C GLN A 51 20.59 38.21 2.88
N PHE A 52 21.76 37.94 2.36
CA PHE A 52 21.92 37.54 0.96
C PHE A 52 21.37 36.14 0.73
N ILE A 53 21.04 35.85 -0.53
CA ILE A 53 20.33 34.63 -0.85
C ILE A 53 21.17 33.39 -0.56
N LEU A 54 22.47 33.43 -0.87
CA LEU A 54 23.29 32.24 -0.67
C LEU A 54 23.43 31.91 0.81
N LEU A 55 23.60 32.92 1.65
CA LEU A 55 23.71 32.65 3.07
C LEU A 55 22.39 32.15 3.63
N GLN A 56 21.29 32.57 3.01
CA GLN A 56 19.99 32.06 3.41
C GLN A 56 19.94 30.58 3.06
N ILE A 57 20.39 30.25 1.85
CA ILE A 57 20.38 28.85 1.42
C ILE A 57 21.19 28.01 2.40
N MET A 58 22.34 28.54 2.84
CA MET A 58 23.14 27.82 3.82
C MET A 58 22.37 27.62 5.12
N ASP A 59 21.65 28.65 5.56
CA ASP A 59 20.84 28.54 6.77
C ASP A 59 19.76 27.48 6.60
N TRP A 60 19.08 27.46 5.46
CA TRP A 60 18.03 26.47 5.23
C TRP A 60 18.60 25.06 5.16
N VAL A 61 19.80 24.91 4.57
CA VAL A 61 20.45 23.61 4.53
C VAL A 61 20.76 23.12 5.94
N LEU A 62 21.29 24.01 6.77
CA LEU A 62 21.60 23.62 8.14
C LEU A 62 20.35 23.27 8.92
N ARG A 63 19.28 24.05 8.76
CA ARG A 63 18.03 23.75 9.44
C ARG A 63 17.47 22.41 8.98
N GLY A 64 17.55 22.12 7.68
CA GLY A 64 17.10 20.83 7.19
C GLY A 64 17.94 19.68 7.73
N ALA A 65 19.25 19.90 7.86
CA ALA A 65 20.10 18.87 8.44
C ALA A 65 19.71 18.59 9.88
N ALA A 66 19.28 19.62 10.60
CA ALA A 66 18.80 19.40 11.97
C ALA A 66 17.36 18.87 12.01
N GLN A 67 16.61 19.02 10.92
CA GLN A 67 15.19 18.61 10.94
C GLN A 67 14.93 17.10 10.94
N VAL A 68 15.96 16.29 10.67
CA VAL A 68 15.79 14.84 10.77
C VAL A 68 15.43 14.53 12.22
N MET A 69 16.01 15.28 13.15
CA MET A 69 15.75 15.08 14.57
C MET A 69 14.54 15.90 14.99
N PHE A 70 13.77 16.43 14.03
CA PHE A 70 12.62 17.31 14.33
C PHE A 70 13.07 18.59 15.04
N VAL A 71 14.27 19.09 14.70
CA VAL A 71 14.79 20.28 15.35
C VAL A 71 14.97 21.40 14.32
N ASN A 72 14.44 22.58 14.63
CA ASN A 72 14.59 23.71 13.71
C ASN A 72 15.66 24.66 14.22
N ASN A 73 16.86 24.15 14.45
CA ASN A 73 17.94 24.96 14.98
C ASN A 73 19.16 24.89 14.06
N PRO A 74 19.56 26.00 13.43
CA PRO A 74 20.78 25.96 12.59
C PRO A 74 22.04 25.59 13.35
N LEU A 75 22.14 26.01 14.61
CA LEU A 75 23.30 25.63 15.40
C LEU A 75 23.36 24.13 15.59
N SER A 76 22.21 23.51 15.88
CA SER A 76 22.18 22.05 15.93
C SER A 76 22.50 21.46 14.57
N GLY A 77 22.20 22.16 13.48
CA GLY A 77 22.60 21.69 12.18
C GLY A 77 24.10 21.66 12.01
N LEU A 78 24.79 22.70 12.47
CA LEU A 78 26.26 22.67 12.44
C LEU A 78 26.79 21.56 13.32
N ILE A 79 26.18 21.34 14.48
CA ILE A 79 26.61 20.24 15.35
C ILE A 79 26.43 18.90 14.64
N ILE A 80 25.30 18.72 13.95
CA ILE A 80 25.03 17.49 13.23
C ILE A 80 26.05 17.28 12.12
N PHE A 81 26.38 18.35 11.39
CA PHE A 81 27.37 18.20 10.33
C PHE A 81 28.76 17.94 10.89
N ALA A 82 29.07 18.47 12.08
CA ALA A 82 30.31 18.11 12.74
C ALA A 82 30.35 16.62 13.05
N GLY A 83 29.22 16.09 13.54
CA GLY A 83 29.16 14.66 13.80
C GLY A 83 29.32 13.83 12.54
N LEU A 84 28.67 14.25 11.46
CA LEU A 84 28.78 13.53 10.19
C LEU A 84 30.21 13.57 9.66
N ILE A 85 30.87 14.72 9.77
CA ILE A 85 32.27 14.82 9.37
C ILE A 85 33.14 13.91 10.22
N LEU A 86 32.82 13.82 11.51
CA LEU A 86 33.55 12.91 12.39
C LEU A 86 33.37 11.46 11.95
N GLN A 87 32.15 11.07 11.57
CA GLN A 87 31.90 9.69 11.19
C GLN A 87 32.57 9.33 9.88
N ASN A 88 32.17 10.00 8.79
CA ASN A 88 32.76 9.73 7.49
C ASN A 88 32.61 10.96 6.62
N ARG A 89 33.70 11.39 6.01
CA ARG A 89 33.68 12.59 5.26
C ARG A 89 32.99 12.41 3.94
N TRP A 90 33.04 11.24 3.36
CA TRP A 90 32.27 10.95 2.15
C TRP A 90 30.78 11.00 2.44
N TRP A 91 30.36 10.43 3.57
CA TRP A 91 28.95 10.46 3.95
C TRP A 91 28.49 11.89 4.17
N ALA A 92 29.32 12.71 4.82
CA ALA A 92 28.96 14.10 5.07
C ALA A 92 28.83 14.87 3.76
N LEU A 93 29.74 14.64 2.82
CA LEU A 93 29.66 15.32 1.54
C LEU A 93 28.41 14.92 0.77
N ASN A 94 28.08 13.63 0.77
CA ASN A 94 26.86 13.20 0.10
C ASN A 94 25.64 13.79 0.77
N GLY A 95 25.63 13.84 2.10
CA GLY A 95 24.50 14.43 2.79
C GLY A 95 24.35 15.90 2.47
N PHE A 96 25.46 16.64 2.45
CA PHE A 96 25.39 18.07 2.16
C PHE A 96 24.90 18.32 0.75
N VAL A 97 25.42 17.58 -0.23
CA VAL A 97 24.97 17.80 -1.60
C VAL A 97 23.51 17.40 -1.77
N GLY A 98 23.09 16.34 -1.08
CA GLY A 98 21.71 15.93 -1.15
C GLY A 98 20.76 16.97 -0.58
N THR A 99 21.10 17.51 0.59
CA THR A 99 20.20 18.48 1.20
C THR A 99 20.21 19.81 0.44
N VAL A 100 21.36 20.22 -0.10
CA VAL A 100 21.39 21.46 -0.85
C VAL A 100 20.58 21.32 -2.13
N PHE A 101 20.64 20.15 -2.78
CA PHE A 101 19.86 20.00 -4.00
C PHE A 101 18.38 19.78 -3.70
N ALA A 102 18.04 19.20 -2.55
CA ALA A 102 16.65 19.16 -2.15
C ALA A 102 16.09 20.56 -1.94
N THR A 103 16.86 21.43 -1.28
CA THR A 103 16.42 22.80 -1.10
C THR A 103 16.28 23.51 -2.45
N ILE A 104 17.24 23.32 -3.35
CA ILE A 104 17.18 23.98 -4.64
C ILE A 104 15.98 23.49 -5.45
N SER A 105 15.70 22.18 -5.40
CA SER A 105 14.54 21.65 -6.11
C SER A 105 13.25 22.16 -5.51
N ALA A 106 13.20 22.34 -4.18
CA ALA A 106 12.03 22.93 -3.57
C ALA A 106 11.84 24.37 -4.04
N LEU A 107 12.94 25.09 -4.25
CA LEU A 107 12.83 26.46 -4.76
C LEU A 107 12.35 26.47 -6.21
N ILE A 108 12.92 25.63 -7.07
CA ILE A 108 12.58 25.71 -8.49
C ILE A 108 11.14 25.27 -8.74
N LEU A 109 10.59 24.46 -7.86
CA LEU A 109 9.21 24.02 -7.98
C LEU A 109 8.23 24.98 -7.31
N CYS A 110 8.72 26.09 -6.77
CA CYS A 110 7.89 27.12 -6.15
C CYS A 110 7.08 26.56 -4.99
N GLN A 111 7.74 25.80 -4.13
CA GLN A 111 7.13 25.38 -2.88
C GLN A 111 7.20 26.50 -1.86
N ASN A 112 6.44 26.36 -0.78
CA ASN A 112 6.30 27.42 0.20
C ASN A 112 7.63 27.73 0.86
N ARG A 113 8.04 29.00 0.81
CA ARG A 113 9.32 29.37 1.39
C ARG A 113 9.30 29.40 2.90
N GLY A 114 8.13 29.46 3.52
CA GLY A 114 8.06 29.25 4.95
C GLY A 114 8.48 27.83 5.29
N ALA A 115 8.11 26.88 4.43
CA ALA A 115 8.48 25.49 4.64
C ALA A 115 9.94 25.23 4.32
N ILE A 116 10.44 25.81 3.22
CA ILE A 116 11.85 25.63 2.86
C ILE A 116 12.74 26.27 3.91
N ALA A 117 12.38 27.46 4.37
CA ALA A 117 13.19 28.16 5.37
C ALA A 117 13.16 27.45 6.72
N ALA A 118 12.20 26.58 6.95
CA ALA A 118 12.14 25.79 8.17
C ALA A 118 12.82 24.45 8.02
N GLY A 119 13.49 24.19 6.90
CA GLY A 119 14.18 22.94 6.70
C GLY A 119 13.29 21.75 6.49
N LEU A 120 12.05 21.97 6.08
CA LEU A 120 11.09 20.88 5.90
C LEU A 120 11.27 20.15 4.59
N TYR A 121 12.14 20.63 3.71
CA TYR A 121 12.40 19.97 2.44
C TYR A 121 13.82 19.47 2.31
N GLY A 122 14.70 19.82 3.24
CA GLY A 122 16.10 19.42 3.13
C GLY A 122 16.47 18.19 3.91
N TYR A 123 15.68 17.82 4.92
CA TYR A 123 16.05 16.66 5.73
C TYR A 123 15.95 15.37 4.92
N ASN A 124 14.94 15.29 4.06
CA ASN A 124 14.85 14.13 3.18
C ASN A 124 16.07 14.04 2.28
N GLY A 125 16.56 15.19 1.81
CA GLY A 125 17.73 15.18 0.95
C GLY A 125 18.99 14.73 1.67
N ILE A 126 19.20 15.21 2.90
CA ILE A 126 20.39 14.82 3.64
C ILE A 126 20.32 13.33 3.98
N LEU A 127 19.13 12.84 4.31
CA LEU A 127 19.01 11.42 4.58
C LEU A 127 19.28 10.60 3.31
N VAL A 128 18.77 11.05 2.16
CA VAL A 128 19.00 10.34 0.91
C VAL A 128 20.49 10.26 0.63
N GLY A 129 21.18 11.40 0.72
CA GLY A 129 22.61 11.40 0.45
C GLY A 129 23.37 10.51 1.43
N LEU A 130 23.08 10.65 2.71
CA LEU A 130 23.80 9.89 3.73
C LEU A 130 23.59 8.40 3.54
N LEU A 131 22.36 7.97 3.30
CA LEU A 131 22.11 6.54 3.23
C LEU A 131 22.48 5.94 1.90
N MET A 132 22.49 6.71 0.81
CA MET A 132 23.12 6.22 -0.41
C MET A 132 24.62 6.04 -0.21
N ALA A 133 25.26 6.94 0.52
CA ALA A 133 26.66 6.75 0.84
C ALA A 133 26.86 5.52 1.71
N VAL A 134 25.94 5.30 2.65
CA VAL A 134 26.09 4.18 3.60
C VAL A 134 25.91 2.85 2.89
N PHE A 135 24.91 2.73 2.03
CA PHE A 135 24.54 1.46 1.43
C PHE A 135 25.28 1.16 0.13
N SER A 136 26.04 2.11 -0.41
CA SER A 136 26.74 1.88 -1.66
C SER A 136 27.94 0.98 -1.43
N ASN A 137 28.05 -0.07 -2.24
CA ASN A 137 29.18 -0.97 -2.20
C ASN A 137 30.31 -0.55 -3.12
N ALA A 138 30.19 0.60 -3.76
CA ALA A 138 31.20 1.05 -4.70
C ALA A 138 32.46 1.57 -4.01
N GLY A 139 32.43 1.77 -2.71
CA GLY A 139 33.59 2.24 -1.98
C GLY A 139 33.54 3.72 -1.71
N ASP A 140 34.43 4.16 -0.83
CA ASP A 140 34.51 5.57 -0.47
C ASP A 140 35.01 6.38 -1.65
N TRP A 141 34.48 7.60 -1.76
CA TRP A 141 34.86 8.54 -2.81
C TRP A 141 34.60 7.96 -4.20
N TYR A 142 33.38 7.46 -4.38
CA TYR A 142 32.85 7.06 -5.67
C TYR A 142 32.02 8.22 -6.19
N TRP A 143 32.66 9.09 -6.98
CA TRP A 143 32.04 10.35 -7.36
C TRP A 143 30.76 10.17 -8.16
N TRP A 144 30.65 9.08 -8.91
CA TRP A 144 29.43 8.86 -9.69
C TRP A 144 28.20 8.75 -8.80
N LEU A 145 28.37 8.36 -7.53
CA LEU A 145 27.23 8.30 -6.63
C LEU A 145 26.59 9.65 -6.43
N LEU A 146 27.31 10.74 -6.72
CA LEU A 146 26.71 12.06 -6.65
C LEU A 146 25.56 12.19 -7.65
N LEU A 147 25.71 11.56 -8.81
CA LEU A 147 24.72 11.72 -9.87
C LEU A 147 23.33 11.23 -9.45
N PRO A 148 23.16 10.04 -8.89
CA PRO A 148 21.84 9.71 -8.33
C PRO A 148 21.51 10.52 -7.10
N ASN A 149 22.52 10.83 -6.28
CA ASN A 149 22.29 11.64 -5.08
C ASN A 149 21.62 12.96 -5.43
N ILE A 150 21.95 13.49 -6.61
CA ILE A 150 21.30 14.71 -7.07
C ILE A 150 19.86 14.41 -7.44
N PHE A 151 19.64 13.42 -8.30
CA PHE A 151 18.28 13.14 -8.79
C PHE A 151 17.28 12.74 -7.70
N MET A 152 17.71 11.88 -6.78
CA MET A 152 16.83 11.46 -5.70
C MET A 152 16.55 12.65 -4.80
N SER A 153 17.54 13.51 -4.62
CA SER A 153 17.35 14.72 -3.82
C SER A 153 16.40 15.68 -4.51
N MET A 154 16.54 15.82 -5.83
CA MET A 154 15.63 16.68 -6.59
C MET A 154 14.22 16.12 -6.53
N ALA A 155 14.09 14.82 -6.34
CA ALA A 155 12.77 14.21 -6.22
C ALA A 155 12.24 14.26 -4.80
N CYS A 156 13.07 14.66 -3.84
CA CYS A 156 12.59 14.78 -2.46
C CYS A 156 11.47 15.80 -2.33
N PRO A 157 11.54 16.99 -2.93
CA PRO A 157 10.36 17.87 -2.88
C PRO A 157 9.14 17.29 -3.57
N ILE A 158 9.28 16.85 -4.83
CA ILE A 158 8.15 16.33 -5.59
C ILE A 158 7.37 15.30 -4.76
N VAL A 159 8.05 14.21 -4.40
CA VAL A 159 7.39 13.16 -3.64
C VAL A 159 6.83 13.72 -2.35
N SER A 160 7.56 14.62 -1.68
CA SER A 160 7.03 15.23 -0.46
C SER A 160 5.67 15.85 -0.72
N SER A 161 5.57 16.71 -1.73
CA SER A 161 4.28 17.29 -2.06
C SER A 161 3.27 16.20 -2.39
N ALA A 162 3.69 15.21 -3.16
CA ALA A 162 2.79 14.12 -3.53
C ALA A 162 2.24 13.44 -2.28
N LEU A 163 3.07 13.31 -1.24
CA LEU A 163 2.57 12.73 -0.01
C LEU A 163 1.74 13.73 0.78
N ALA A 164 2.15 15.00 0.78
CA ALA A 164 1.48 15.99 1.61
C ALA A 164 0.02 16.13 1.23
N SER A 165 -0.25 16.07 -0.04
CA SER A 165 -1.59 16.19 -0.49
C SER A 165 -2.45 15.10 0.03
N ILE A 166 -1.98 13.87 0.00
CA ILE A 166 -2.73 12.77 0.51
C ILE A 166 -2.90 12.89 1.99
N ASN A 167 -1.86 13.26 2.69
CA ASN A 167 -1.92 13.28 4.11
C ASN A 167 -2.42 14.54 4.72
N SER A 168 -2.46 15.63 4.01
CA SER A 168 -3.05 16.84 4.57
C SER A 168 -4.54 16.67 4.82
N ARG A 169 -5.17 15.69 4.17
CA ARG A 169 -6.60 15.47 4.39
C ARG A 169 -6.88 15.08 5.83
N TRP A 170 -6.04 14.22 6.40
CA TRP A 170 -6.16 13.80 7.79
C TRP A 170 -5.34 14.67 8.71
N ASP A 171 -4.70 15.72 8.18
CA ASP A 171 -3.85 16.62 8.95
C ASP A 171 -2.73 15.84 9.63
N LEU A 172 -1.93 15.17 8.80
CA LEU A 172 -0.78 14.41 9.30
C LEU A 172 0.43 14.95 8.57
N PRO A 173 1.64 14.91 9.18
CA PRO A 173 2.74 15.45 8.37
C PRO A 173 3.32 14.50 7.33
N VAL A 174 4.22 15.00 6.50
CA VAL A 174 4.85 14.16 5.46
C VAL A 174 5.69 13.04 6.08
N PHE A 175 6.37 13.30 7.20
CA PHE A 175 7.11 12.25 7.92
C PHE A 175 8.21 11.42 7.29
N THR A 176 9.19 12.00 6.59
CA THR A 176 10.35 11.24 6.06
C THR A 176 9.96 10.17 5.04
N LEU A 177 8.67 9.95 4.84
CA LEU A 177 8.18 9.04 3.82
C LEU A 177 8.88 9.27 2.46
N PRO A 178 9.08 10.55 2.05
CA PRO A 178 9.78 10.69 0.77
C PRO A 178 11.13 10.01 0.80
N PHE A 179 11.92 10.19 1.86
CA PHE A 179 13.21 9.58 1.87
C PHE A 179 13.11 8.15 1.70
N ASN A 180 12.16 7.54 2.37
CA ASN A 180 12.11 6.12 2.34
C ASN A 180 11.85 5.73 0.93
N ILE A 181 10.81 6.25 0.32
CA ILE A 181 10.53 5.79 -1.02
C ILE A 181 11.74 5.92 -1.91
N LEU A 182 12.40 7.07 -1.87
CA LEU A 182 13.54 7.32 -2.75
C LEU A 182 14.78 6.47 -2.52
N VAL A 183 15.14 6.26 -1.25
CA VAL A 183 16.36 5.50 -0.98
C VAL A 183 16.10 4.05 -1.35
N CYS A 184 14.92 3.53 -1.03
CA CYS A 184 14.59 2.17 -1.41
C CYS A 184 14.48 2.05 -2.92
N LEU A 185 13.76 2.98 -3.54
CA LEU A 185 13.60 2.97 -4.99
C LEU A 185 14.94 2.97 -5.69
N HIS A 186 15.94 3.63 -5.11
CA HIS A 186 17.27 3.58 -5.69
C HIS A 186 17.85 2.19 -5.55
N MET A 187 17.91 1.67 -4.34
CA MET A 187 18.70 0.48 -4.07
C MET A 187 17.90 -0.81 -4.22
N VAL A 188 16.67 -0.71 -4.71
CA VAL A 188 16.02 -1.85 -5.35
C VAL A 188 16.14 -1.76 -6.86
N ALA A 189 16.31 -0.56 -7.42
CA ALA A 189 16.49 -0.45 -8.86
C ALA A 189 17.90 -0.85 -9.27
N THR A 190 18.88 -0.61 -8.41
CA THR A 190 20.26 -0.97 -8.69
C THR A 190 20.60 -2.36 -8.14
N GLY A 191 20.50 -2.53 -6.83
CA GLY A 191 20.76 -3.81 -6.21
C GLY A 191 22.23 -4.10 -6.09
N HIS A 192 22.52 -5.26 -5.48
CA HIS A 192 23.90 -5.67 -5.28
C HIS A 192 24.60 -5.99 -6.59
N TYR A 193 23.88 -6.55 -7.55
CA TYR A 193 24.46 -6.95 -8.82
C TYR A 193 24.20 -5.88 -9.87
N ASN A 194 24.72 -4.68 -9.61
CA ASN A 194 24.64 -3.60 -10.56
C ASN A 194 26.03 -3.06 -10.82
N GLN A 195 26.36 -2.90 -12.09
CA GLN A 195 27.74 -2.60 -12.46
C GLN A 195 28.11 -1.16 -12.12
N TYR A 196 27.14 -0.26 -12.11
CA TYR A 196 27.43 1.15 -11.87
C TYR A 196 27.25 1.56 -10.42
N PHE A 197 26.16 1.15 -9.78
CA PHE A 197 25.86 1.54 -8.40
C PHE A 197 25.55 0.31 -7.57
N PRO A 198 26.55 -0.49 -7.24
CA PRO A 198 26.29 -1.66 -6.40
C PRO A 198 25.94 -1.26 -4.98
N GLN A 199 25.07 -2.06 -4.37
CA GLN A 199 24.67 -1.85 -2.98
C GLN A 199 25.04 -3.09 -2.17
N ILE A 200 25.01 -2.93 -0.85
CA ILE A 200 25.39 -4.01 0.04
C ILE A 200 24.37 -5.13 -0.04
N LEU A 201 24.82 -6.36 0.15
CA LEU A 201 23.95 -7.52 0.07
C LEU A 201 23.19 -7.67 1.37
N ILE A 202 21.86 -7.64 1.29
CA ILE A 202 20.98 -7.83 2.44
C ILE A 202 20.13 -9.04 2.14
N GLN A 203 20.51 -10.17 2.69
CA GLN A 203 19.80 -11.42 2.47
C GLN A 203 18.96 -11.78 3.67
N PRO A 204 17.82 -12.42 3.46
CA PRO A 204 16.96 -12.78 4.61
C PRO A 204 17.59 -13.89 5.42
N THR A 205 17.22 -13.93 6.70
CA THR A 205 17.79 -14.91 7.61
C THR A 205 17.32 -16.30 7.23
N THR A 206 18.26 -17.20 6.97
CA THR A 206 17.96 -18.57 6.60
C THR A 206 18.58 -19.57 7.55
N SER A 207 18.99 -19.13 8.74
CA SER A 207 19.57 -20.03 9.72
C SER A 207 19.19 -19.59 11.12
N MET A 208 18.96 -20.55 11.99
CA MET A 208 18.63 -20.25 13.38
C MET A 208 19.84 -19.70 14.10
N SER A 209 19.64 -18.68 14.93
CA SER A 209 20.71 -17.98 15.61
C SER A 209 20.74 -18.39 17.08
N ASN A 210 21.91 -18.75 17.56
CA ASN A 210 22.08 -19.19 18.96
C ASN A 210 22.43 -17.98 19.81
N LEU A 211 21.41 -17.29 20.29
CA LEU A 211 21.65 -16.10 21.11
C LEU A 211 21.96 -16.50 22.55
N THR A 212 23.13 -16.12 23.04
CA THR A 212 23.53 -16.49 24.39
C THR A 212 23.51 -15.31 25.34
N TRP A 213 22.68 -15.36 26.37
CA TRP A 213 22.57 -14.23 27.30
C TRP A 213 23.87 -13.99 28.05
N SER A 214 24.64 -15.04 28.29
CA SER A 214 25.94 -14.89 28.96
C SER A 214 26.89 -14.06 28.09
N GLU A 215 26.84 -14.26 26.78
CA GLU A 215 27.71 -13.53 25.86
C GLU A 215 27.42 -12.04 25.85
N LEU A 216 26.22 -11.64 26.25
CA LEU A 216 25.84 -10.24 26.20
C LEU A 216 26.79 -9.32 26.95
N ASP A 217 27.16 -8.21 26.34
CA ASP A 217 28.04 -7.25 26.97
C ASP A 217 27.20 -6.05 27.34
N TYR A 218 27.29 -5.63 28.60
CA TYR A 218 26.44 -4.52 29.04
C TYR A 218 26.96 -3.14 28.71
N ALA A 219 28.28 -2.94 28.66
CA ALA A 219 28.77 -1.64 28.25
C ALA A 219 28.28 -1.27 26.87
N GLN A 220 28.35 -2.21 25.93
CA GLN A 220 27.87 -1.95 24.57
C GLN A 220 26.36 -1.81 24.54
N LEU A 221 25.65 -2.60 25.35
CA LEU A 221 24.19 -2.49 25.41
C LEU A 221 23.79 -1.08 25.82
N PHE A 222 24.38 -0.57 26.90
CA PHE A 222 24.02 0.77 27.35
C PHE A 222 24.61 1.86 26.47
N ARG A 223 25.67 1.54 25.71
CA ARG A 223 26.20 2.44 24.71
C ARG A 223 25.31 2.49 23.47
N SER A 224 24.39 1.54 23.34
CA SER A 224 23.48 1.55 22.20
C SER A 224 22.56 2.76 22.14
N ILE A 225 22.42 3.51 23.24
CA ILE A 225 21.56 4.70 23.23
C ILE A 225 22.19 5.75 22.30
N PRO A 226 23.42 6.23 22.54
CA PRO A 226 24.02 7.16 21.59
C PRO A 226 24.20 6.56 20.21
N VAL A 227 24.47 5.26 20.12
CA VAL A 227 24.65 4.66 18.81
C VAL A 227 23.34 4.70 18.02
N GLY A 228 22.21 4.53 18.71
CA GLY A 228 20.93 4.67 18.04
C GLY A 228 20.66 6.09 17.59
N ILE A 229 20.93 7.06 18.47
CA ILE A 229 20.80 8.46 18.06
C ILE A 229 21.67 8.75 16.85
N GLY A 230 22.83 8.11 16.77
CA GLY A 230 23.67 8.26 15.59
C GLY A 230 23.08 7.59 14.35
N GLN A 231 22.53 6.39 14.54
CA GLN A 231 21.93 5.65 13.42
C GLN A 231 20.79 6.44 12.81
N VAL A 232 20.20 7.36 13.57
CA VAL A 232 19.18 8.24 12.97
C VAL A 232 19.71 8.84 11.68
N TYR A 233 20.99 9.20 11.66
CA TYR A 233 21.64 9.73 10.47
C TYR A 233 22.49 8.69 9.74
N GLY A 234 22.58 7.48 10.25
CA GLY A 234 23.39 6.45 9.64
C GLY A 234 24.75 6.26 10.26
N CYS A 235 25.08 6.98 11.32
CA CYS A 235 26.39 6.90 11.94
C CYS A 235 26.38 5.90 13.09
N ASP A 236 27.36 5.00 13.11
CA ASP A 236 27.46 3.95 14.10
C ASP A 236 28.47 4.26 15.19
N ASN A 237 28.91 5.51 15.30
CA ASN A 237 29.91 5.90 16.27
C ASN A 237 29.25 6.56 17.47
N ALA A 238 29.64 6.13 18.67
CA ALA A 238 29.00 6.64 19.87
C ALA A 238 29.28 8.12 20.08
N TRP A 239 30.46 8.59 19.68
CA TRP A 239 30.76 10.01 19.80
C TRP A 239 29.83 10.85 18.93
N THR A 240 29.51 10.35 17.74
CA THR A 240 28.56 11.04 16.88
C THR A 240 27.18 11.10 17.53
N GLY A 241 26.78 10.03 18.21
CA GLY A 241 25.51 10.06 18.92
C GLY A 241 25.50 11.05 20.07
N GLY A 242 26.63 11.15 20.79
CA GLY A 242 26.72 12.16 21.83
C GLY A 242 26.66 13.56 21.28
N ILE A 243 27.30 13.78 20.13
CA ILE A 243 27.20 15.07 19.45
C ILE A 243 25.76 15.37 19.08
N PHE A 244 25.04 14.35 18.60
CA PHE A 244 23.64 14.54 18.25
C PHE A 244 22.80 14.89 19.48
N MET A 245 23.04 14.21 20.61
CA MET A 245 22.31 14.56 21.82
C MET A 245 22.63 15.98 22.27
N ILE A 246 23.89 16.40 22.12
CA ILE A 246 24.23 17.78 22.47
C ILE A 246 23.45 18.74 21.59
N ALA A 247 23.36 18.43 20.29
CA ALA A 247 22.59 19.27 19.38
C ALA A 247 21.12 19.33 19.79
N LEU A 248 20.56 18.20 20.20
CA LEU A 248 19.17 18.19 20.67
C LEU A 248 19.01 19.03 21.93
N PHE A 249 19.91 18.88 22.89
CA PHE A 249 19.76 19.58 24.16
C PHE A 249 19.95 21.08 24.00
N ILE A 250 20.72 21.51 23.00
CA ILE A 250 20.79 22.94 22.71
C ILE A 250 19.41 23.47 22.32
N SER A 251 18.62 22.67 21.61
CA SER A 251 17.34 23.14 21.12
C SER A 251 16.20 22.85 22.09
N SER A 252 15.97 21.59 22.42
CA SER A 252 14.83 21.25 23.25
C SER A 252 15.16 20.06 24.16
N PRO A 253 15.22 20.28 25.48
CA PRO A 253 15.48 19.16 26.39
C PRO A 253 14.43 18.07 26.34
N ILE A 254 13.18 18.41 26.01
CA ILE A 254 12.14 17.38 25.91
C ILE A 254 12.48 16.42 24.78
N THR A 255 12.94 16.95 23.65
CA THR A 255 13.35 16.10 22.54
C THR A 255 14.52 15.21 22.94
N PHE A 256 15.46 15.73 23.71
CA PHE A 256 16.58 14.92 24.19
C PHE A 256 16.10 13.79 25.08
N ALA A 257 15.19 14.09 26.00
CA ALA A 257 14.67 13.06 26.90
C ALA A 257 13.95 11.98 26.11
N HIS A 258 13.08 12.39 25.20
CA HIS A 258 12.35 11.41 24.39
C HIS A 258 13.29 10.65 23.47
N ALA A 259 14.39 11.26 23.06
CA ALA A 259 15.37 10.57 22.23
C ALA A 259 16.04 9.44 23.01
N THR A 260 16.54 9.74 24.21
CA THR A 260 17.15 8.69 25.02
C THR A 260 16.14 7.61 25.36
N ILE A 261 14.90 8.00 25.67
CA ILE A 261 13.87 7.01 26.00
C ILE A 261 13.57 6.12 24.80
N GLY A 262 13.51 6.71 23.60
CA GLY A 262 13.25 5.90 22.43
C GLY A 262 14.36 4.92 22.13
N SER A 263 15.61 5.37 22.25
CA SER A 263 16.73 4.45 22.04
C SER A 263 16.72 3.33 23.07
N ALA A 264 16.41 3.66 24.33
CA ALA A 264 16.33 2.62 25.36
C ALA A 264 15.20 1.65 25.06
N VAL A 265 14.07 2.15 24.58
CA VAL A 265 12.96 1.27 24.22
C VAL A 265 13.37 0.33 23.10
N GLY A 266 14.08 0.85 22.11
CA GLY A 266 14.56 -0.01 21.04
C GLY A 266 15.49 -1.09 21.54
N MET A 267 16.41 -0.72 22.44
CA MET A 267 17.29 -1.71 23.08
C MET A 267 16.49 -2.81 23.76
N VAL A 268 15.56 -2.42 24.63
CA VAL A 268 14.81 -3.40 25.41
C VAL A 268 13.98 -4.29 24.49
N SER A 269 13.35 -3.70 23.48
CA SER A 269 12.56 -4.47 22.54
C SER A 269 13.42 -5.46 21.77
N GLY A 270 14.59 -5.03 21.32
CA GLY A 270 15.48 -5.94 20.62
C GLY A 270 15.90 -7.10 21.50
N LEU A 271 16.10 -6.83 22.79
CA LEU A 271 16.33 -7.93 23.72
C LEU A 271 15.11 -8.84 23.79
N ALA A 272 13.91 -8.26 23.77
CA ALA A 272 12.68 -9.02 23.96
C ALA A 272 12.30 -9.85 22.74
N LEU A 273 12.78 -9.50 21.56
CA LEU A 273 12.44 -10.22 20.34
C LEU A 273 13.57 -11.10 19.84
N ALA A 274 14.51 -11.46 20.72
CA ALA A 274 15.62 -12.34 20.39
C ALA A 274 16.44 -11.80 19.22
N ALA A 275 16.63 -10.49 19.19
CA ALA A 275 17.42 -9.88 18.13
C ALA A 275 18.90 -10.18 18.34
N PRO A 276 19.66 -10.32 17.26
CA PRO A 276 21.11 -10.53 17.41
C PRO A 276 21.74 -9.38 18.17
N PHE A 277 22.71 -9.72 19.01
CA PHE A 277 23.28 -8.74 19.92
C PHE A 277 24.04 -7.66 19.16
N LYS A 278 24.76 -8.02 18.11
CA LYS A 278 25.52 -7.03 17.35
C LYS A 278 24.61 -5.98 16.77
N ASN A 279 23.36 -6.33 16.45
CA ASN A 279 22.44 -5.34 15.92
C ASN A 279 22.00 -4.35 16.98
N ILE A 280 21.72 -4.84 18.20
CA ILE A 280 21.37 -3.93 19.29
C ILE A 280 22.54 -3.03 19.63
N TYR A 281 23.76 -3.58 19.63
CA TYR A 281 24.92 -2.77 19.92
C TYR A 281 25.09 -1.64 18.91
N MET A 282 24.89 -1.93 17.63
CA MET A 282 25.02 -0.93 16.58
C MET A 282 23.79 -0.04 16.46
N GLY A 283 22.87 -0.10 17.41
CA GLY A 283 21.76 0.83 17.42
C GLY A 283 20.77 0.68 16.29
N LEU A 284 20.81 -0.43 15.56
CA LEU A 284 19.86 -0.64 14.47
C LEU A 284 18.44 -0.82 14.97
N TRP A 285 18.25 -0.97 16.28
CA TRP A 285 16.93 -1.09 16.87
C TRP A 285 16.44 0.22 17.48
N GLY A 286 17.20 1.29 17.36
CA GLY A 286 16.90 2.49 18.10
C GLY A 286 16.43 3.70 17.29
N TYR A 287 16.98 3.89 16.09
CA TYR A 287 16.68 5.07 15.27
C TYR A 287 15.21 5.27 14.93
N ASN A 288 14.52 4.19 14.60
CA ASN A 288 13.09 4.29 14.38
C ASN A 288 12.36 4.63 15.67
N CYS A 289 12.77 4.00 16.77
CA CYS A 289 12.12 4.23 18.05
C CYS A 289 12.34 5.65 18.55
N VAL A 290 13.56 6.18 18.38
CA VAL A 290 13.82 7.56 18.80
C VAL A 290 12.99 8.54 17.98
N LEU A 291 12.91 8.32 16.67
CA LEU A 291 12.10 9.21 15.86
C LEU A 291 10.64 9.14 16.26
N ALA A 292 10.12 7.93 16.51
CA ALA A 292 8.74 7.78 16.91
C ALA A 292 8.46 8.46 18.25
N CYS A 293 9.39 8.33 19.19
CA CYS A 293 9.20 8.92 20.51
C CYS A 293 9.27 10.44 20.44
N ILE A 294 10.11 11.00 19.58
CA ILE A 294 10.12 12.45 19.43
C ILE A 294 8.77 12.93 18.90
N ALA A 295 8.34 12.38 17.76
CA ALA A 295 7.09 12.83 17.14
C ALA A 295 5.81 12.61 17.95
N ILE A 296 5.67 11.46 18.60
CA ILE A 296 4.45 11.14 19.33
C ILE A 296 4.51 11.67 20.77
N GLY A 297 5.67 12.21 21.13
CA GLY A 297 5.80 12.82 22.44
C GLY A 297 5.43 14.27 22.25
N GLY A 298 6.39 15.17 22.42
CA GLY A 298 6.14 16.59 22.25
C GLY A 298 5.75 17.17 20.90
N MET A 299 6.32 16.67 19.81
CA MET A 299 6.09 17.31 18.50
C MET A 299 4.70 17.45 17.86
N PHE A 300 3.86 16.43 17.85
CA PHE A 300 2.57 16.57 17.15
C PHE A 300 1.46 16.39 18.15
N TYR A 301 1.75 15.74 19.24
CA TYR A 301 0.80 15.60 20.34
C TYR A 301 1.26 16.50 21.47
N ALA A 302 0.33 17.18 22.12
CA ALA A 302 0.67 18.03 23.25
C ALA A 302 1.22 17.17 24.39
N LEU A 303 2.30 17.63 25.01
CA LEU A 303 2.99 16.84 26.02
C LEU A 303 2.14 16.72 27.27
N THR A 304 1.57 15.54 27.47
CA THR A 304 0.85 15.18 28.68
C THR A 304 1.33 13.80 29.06
N TRP A 305 1.19 13.44 30.34
CA TRP A 305 1.61 12.11 30.77
C TRP A 305 0.96 11.03 29.92
N GLN A 306 -0.31 11.23 29.55
CA GLN A 306 -0.96 10.32 28.62
C GLN A 306 -0.23 10.29 27.29
N THR A 307 0.16 11.47 26.79
CA THR A 307 0.91 11.53 25.55
C THR A 307 2.28 10.88 25.68
N HIS A 308 2.93 11.03 26.84
CA HIS A 308 4.25 10.42 27.00
C HIS A 308 4.15 8.90 27.03
N LEU A 309 3.16 8.34 27.72
CA LEU A 309 2.98 6.89 27.65
C LEU A 309 2.58 6.45 26.25
N LEU A 310 1.81 7.26 25.53
CA LEU A 310 1.53 6.95 24.14
C LEU A 310 2.83 6.95 23.32
N ALA A 311 3.76 7.83 23.66
CA ALA A 311 5.03 7.88 22.95
C ALA A 311 5.86 6.64 23.22
N VAL A 312 5.90 6.18 24.47
CA VAL A 312 6.64 4.97 24.79
C VAL A 312 5.99 3.75 24.11
N ALA A 313 4.66 3.69 24.11
CA ALA A 313 3.97 2.61 23.41
C ALA A 313 4.24 2.67 21.92
N CYS A 314 4.27 3.86 21.34
CA CYS A 314 4.60 3.99 19.93
C CYS A 314 6.03 3.60 19.65
N ALA A 315 6.94 3.85 20.59
CA ALA A 315 8.32 3.42 20.42
C ALA A 315 8.42 1.90 20.42
N PHE A 316 7.70 1.24 21.33
CA PHE A 316 7.68 -0.22 21.33
C PHE A 316 7.07 -0.78 20.06
N PHE A 317 6.01 -0.17 19.55
CA PHE A 317 5.38 -0.67 18.35
C PHE A 317 6.35 -0.54 17.25
N CYS A 318 7.08 0.57 17.25
CA CYS A 318 8.01 0.86 16.18
C CYS A 318 9.12 -0.16 16.09
N ALA A 319 9.55 -0.69 17.22
CA ALA A 319 10.57 -1.73 17.22
C ALA A 319 10.07 -2.98 16.53
N TYR A 320 8.81 -3.33 16.79
CA TYR A 320 8.23 -4.48 16.13
C TYR A 320 8.21 -4.23 14.63
N LEU A 321 7.88 -3.00 14.25
CA LEU A 321 7.87 -2.66 12.83
C LEU A 321 9.25 -2.79 12.24
N GLY A 322 10.27 -2.38 12.96
CA GLY A 322 11.64 -2.50 12.50
C GLY A 322 12.03 -3.95 12.31
N SER A 323 11.62 -4.82 13.22
CA SER A 323 11.90 -6.23 13.04
C SER A 323 11.12 -6.74 11.83
N ALA A 324 9.86 -6.36 11.72
CA ALA A 324 9.03 -6.75 10.62
C ALA A 324 9.37 -6.18 9.31
N ILE A 325 9.67 -4.91 9.23
CA ILE A 325 9.90 -4.30 7.98
C ILE A 325 11.29 -4.67 7.62
N GLY A 326 12.14 -4.92 8.58
CA GLY A 326 13.44 -5.41 8.20
C GLY A 326 13.37 -6.80 7.61
N ASN A 327 12.60 -7.69 8.23
CA ASN A 327 12.47 -9.04 7.69
C ASN A 327 11.74 -9.04 6.34
N VAL A 328 10.68 -8.24 6.20
CA VAL A 328 9.92 -8.27 4.96
C VAL A 328 10.71 -7.66 3.81
N MET A 329 11.56 -6.68 4.10
CA MET A 329 12.33 -6.03 3.05
C MET A 329 13.68 -6.68 2.81
N SER A 330 14.13 -7.57 3.69
CA SER A 330 15.38 -8.27 3.42
C SER A 330 15.24 -9.24 2.27
N ASN A 331 14.02 -9.64 1.92
CA ASN A 331 13.82 -10.50 0.76
C ASN A 331 14.11 -9.75 -0.53
N PHE A 332 13.81 -8.45 -0.56
CA PHE A 332 14.05 -7.61 -1.72
C PHE A 332 15.48 -7.08 -1.78
N GLY A 333 16.31 -7.42 -0.80
CA GLY A 333 17.62 -6.82 -0.70
C GLY A 333 17.57 -5.35 -0.31
N LEU A 334 16.64 -4.95 0.51
CA LEU A 334 16.50 -3.56 0.84
C LEU A 334 16.62 -3.42 2.33
N PRO A 335 17.02 -2.28 2.82
CA PRO A 335 17.08 -2.04 4.23
C PRO A 335 15.74 -1.58 4.76
N ALA A 336 15.54 -1.53 6.06
CA ALA A 336 14.29 -0.98 6.57
C ALA A 336 14.75 0.29 7.06
N CYS A 337 14.41 1.36 6.40
CA CYS A 337 14.97 2.60 6.78
C CYS A 337 13.99 3.65 6.99
N THR A 338 13.57 3.81 8.21
CA THR A 338 12.63 4.83 8.56
C THR A 338 11.25 4.47 8.12
N TRP A 339 11.07 3.35 7.47
CA TRP A 339 9.75 2.88 7.15
C TRP A 339 9.08 2.58 8.45
N PRO A 340 9.81 2.02 9.41
CA PRO A 340 9.09 1.79 10.64
C PRO A 340 8.53 2.99 11.39
N PHE A 341 9.23 4.10 11.47
CA PHE A 341 8.77 5.29 12.14
C PHE A 341 7.60 5.87 11.53
N CYS A 342 7.60 5.96 10.23
CA CYS A 342 6.52 6.61 9.61
C CYS A 342 5.32 5.80 9.83
N LEU A 343 5.42 4.50 9.72
CA LEU A 343 4.22 3.74 9.81
C LEU A 343 3.72 3.71 11.24
N SER A 344 4.58 3.81 12.24
CA SER A 344 4.09 3.90 13.61
C SER A 344 3.55 5.28 14.01
N ALA A 345 4.33 6.32 13.76
CA ALA A 345 3.89 7.66 14.09
C ALA A 345 2.59 8.01 13.36
N LEU A 346 2.46 7.59 12.10
CA LEU A 346 1.21 7.83 11.39
C LEU A 346 0.05 7.07 12.03
N THR A 347 0.31 5.83 12.47
CA THR A 347 -0.75 5.06 13.11
C THR A 347 -1.18 5.70 14.42
N PHE A 348 -0.21 6.16 15.22
CA PHE A 348 -0.56 6.74 16.50
C PHE A 348 -1.09 8.16 16.38
N LEU A 349 -0.87 8.82 15.25
CA LEU A 349 -1.46 10.13 15.02
C LEU A 349 -2.85 10.06 14.42
N LEU A 350 -3.29 8.89 13.98
CA LEU A 350 -4.62 8.72 13.41
C LEU A 350 -5.63 8.19 14.41
N ILE A 351 -5.21 7.78 15.61
CA ILE A 351 -6.14 7.20 16.56
C ILE A 351 -7.04 8.30 17.13
N THR A 352 -8.33 8.01 17.21
CA THR A 352 -9.31 8.93 17.76
C THR A 352 -9.79 8.39 19.09
N THR A 353 -9.74 9.24 20.12
CA THR A 353 -10.15 8.89 21.46
C THR A 353 -11.16 9.91 21.95
N GLU A 354 -11.85 9.55 23.03
CA GLU A 354 -12.77 10.47 23.67
C GLU A 354 -12.12 11.26 24.80
N THR A 355 -10.82 11.12 25.01
CA THR A 355 -10.11 11.86 26.03
C THR A 355 -9.57 13.16 25.45
N LYS A 356 -9.70 14.24 26.20
CA LYS A 356 -9.19 15.53 25.81
C LYS A 356 -7.74 15.73 26.20
N PHE A 357 -7.12 14.72 26.82
CA PHE A 357 -5.73 14.80 27.22
C PHE A 357 -4.77 14.30 26.16
N ILE A 358 -5.21 13.42 25.27
CA ILE A 358 -4.42 13.03 24.10
C ILE A 358 -4.82 14.01 22.99
N HIS A 359 -4.16 15.16 22.96
CA HIS A 359 -4.52 16.26 22.10
C HIS A 359 -3.60 16.28 20.88
N LYS A 360 -4.19 16.22 19.69
CA LYS A 360 -3.44 16.26 18.44
C LYS A 360 -3.36 17.70 17.96
N LEU A 361 -2.16 18.19 17.77
CA LEU A 361 -1.98 19.58 17.39
C LEU A 361 -2.24 19.79 15.90
N PRO A 362 -2.72 20.99 15.49
CA PRO A 362 -2.81 21.18 14.04
C PRO A 362 -1.41 21.31 13.46
N LEU A 363 -1.21 20.97 12.19
CA LEU A 363 0.14 20.98 11.62
C LEU A 363 0.83 22.34 11.58
N ALA A 364 0.11 23.39 11.23
CA ALA A 364 0.71 24.72 11.15
C ALA A 364 1.19 25.17 12.52
N LYS A 365 0.41 24.88 13.55
CA LYS A 365 0.75 25.27 14.92
C LYS A 365 1.95 24.50 15.48
N VAL A 366 2.21 23.31 14.94
CA VAL A 366 3.29 22.48 15.48
C VAL A 366 4.67 23.15 15.42
N ALA A 367 5.43 23.05 16.51
CA ALA A 367 6.77 23.62 16.57
C ALA A 367 7.55 22.70 17.50
N TYR A 368 8.65 23.19 18.10
CA TYR A 368 9.35 22.36 19.05
C TYR A 368 8.50 22.15 20.30
N PRO A 369 8.72 21.06 21.03
CA PRO A 369 7.76 20.66 22.07
C PRO A 369 7.47 21.72 23.12
N GLU A 370 8.41 22.63 23.39
CA GLU A 370 8.13 23.68 24.36
C GLU A 370 7.05 24.65 23.85
N GLN A 371 7.15 25.08 22.59
CA GLN A 371 6.10 25.91 22.04
C GLN A 371 4.78 25.16 21.95
N ASN A 372 4.84 23.88 21.64
CA ASN A 372 3.62 23.08 21.61
C ASN A 372 2.96 23.05 22.98
N LEU A 373 3.77 22.89 24.03
CA LEU A 373 3.24 22.85 25.38
C LEU A 373 2.65 24.20 25.77
N ARG A 374 3.34 25.30 25.40
CA ARG A 374 2.83 26.63 25.72
C ARG A 374 1.53 26.92 24.97
N TYR A 375 1.46 26.52 23.71
CA TYR A 375 0.24 26.68 22.92
C TYR A 375 -0.91 25.89 23.53
N TYR A 376 -0.63 24.66 23.94
CA TYR A 376 -1.65 23.84 24.58
C TYR A 376 -2.15 24.48 25.86
N TRP A 377 -1.25 25.04 26.61
CA TRP A 377 -1.67 25.54 27.87
C TRP A 377 -2.44 26.81 27.74
N LYS A 378 -2.09 27.63 26.79
CA LYS A 378 -2.84 28.82 26.57
C LYS A 378 -4.21 28.48 26.12
N MET A 379 -4.35 27.51 25.28
CA MET A 379 -5.63 27.13 24.76
C MET A 379 -6.52 26.70 25.88
N LYS A 380 -6.01 25.92 26.79
CA LYS A 380 -6.83 25.44 27.88
C LYS A 380 -7.25 26.55 28.79
N LYS A 381 -6.38 27.49 29.05
CA LYS A 381 -6.72 28.61 29.88
C LYS A 381 -7.80 29.34 29.16
N LYS B 27 -45.79 -23.21 22.58
CA LYS B 27 -45.80 -22.66 21.23
C LYS B 27 -45.36 -21.21 21.22
N ALA B 28 -46.10 -20.35 21.89
CA ALA B 28 -45.76 -18.93 21.89
C ALA B 28 -44.49 -18.75 22.66
N ASN B 29 -44.24 -19.64 23.62
CA ASN B 29 -43.04 -19.54 24.44
C ASN B 29 -41.80 -19.83 23.63
N LEU B 30 -41.87 -20.88 22.81
CA LEU B 30 -40.73 -21.23 21.97
C LEU B 30 -40.46 -20.10 20.98
N ILE B 31 -41.52 -19.52 20.42
CA ILE B 31 -41.34 -18.41 19.48
C ILE B 31 -40.70 -17.21 20.15
N LYS B 32 -41.13 -16.91 21.38
CA LYS B 32 -40.55 -15.79 22.11
C LYS B 32 -39.08 -16.01 22.40
N TRP B 33 -38.73 -17.23 22.79
CA TRP B 33 -37.34 -17.55 23.06
C TRP B 33 -36.51 -17.42 21.79
N VAL B 34 -37.06 -17.89 20.67
CA VAL B 34 -36.36 -17.81 19.41
C VAL B 34 -36.12 -16.36 19.03
N SER B 35 -37.13 -15.51 19.24
CA SER B 35 -36.97 -14.09 18.92
C SER B 35 -35.91 -13.44 19.78
N PHE B 36 -35.79 -13.93 21.03
CA PHE B 36 -34.80 -13.41 22.02
C PHE B 36 -33.35 -13.78 21.86
N ILE B 37 -33.06 -14.97 21.40
CA ILE B 37 -31.71 -15.38 21.15
C ILE B 37 -31.36 -15.12 19.73
N SER B 38 -32.21 -14.41 19.03
CA SER B 38 -31.97 -14.15 17.64
C SER B 38 -31.57 -12.79 17.33
N GLY B 39 -30.47 -12.70 16.63
CA GLY B 39 -30.00 -11.43 16.23
C GLY B 39 -29.35 -10.76 17.37
N ASP B 40 -28.91 -9.56 17.13
CA ASP B 40 -28.38 -8.80 18.25
C ASP B 40 -29.38 -8.85 19.39
N MET B 41 -28.93 -9.31 20.56
CA MET B 41 -29.81 -9.42 21.72
C MET B 41 -30.07 -8.02 22.26
N ALA B 42 -31.08 -7.37 21.67
CA ALA B 42 -31.42 -6.02 22.11
C ALA B 42 -31.87 -6.00 23.55
N ALA B 43 -32.72 -6.95 23.94
CA ALA B 43 -33.19 -7.00 25.32
C ALA B 43 -32.03 -7.31 26.27
N PHE B 44 -31.21 -8.29 25.93
CA PHE B 44 -30.06 -8.63 26.75
C PHE B 44 -29.07 -7.49 26.81
N GLY B 45 -28.84 -6.82 25.68
CA GLY B 45 -27.93 -5.69 25.69
C GLY B 45 -28.42 -4.55 26.54
N GLU B 46 -29.71 -4.23 26.47
CA GLU B 46 -30.26 -3.18 27.32
C GLU B 46 -30.19 -3.57 28.79
N TRP B 47 -30.28 -4.83 29.16
CA TRP B 47 -30.17 -5.19 30.55
C TRP B 47 -28.79 -5.14 31.04
N MET B 48 -27.83 -5.48 30.21
CA MET B 48 -26.48 -5.57 30.65
C MET B 48 -25.95 -4.29 31.15
N LYS B 49 -26.42 -3.19 30.63
CA LYS B 49 -25.84 -1.96 31.00
C LYS B 49 -25.97 -1.84 32.48
N GLY B 50 -27.09 -2.27 33.01
CA GLY B 50 -27.25 -2.25 34.44
C GLY B 50 -26.35 -3.10 35.28
N GLN B 51 -26.07 -4.31 34.86
CA GLN B 51 -25.30 -5.17 35.74
C GLN B 51 -23.85 -4.82 36.04
N PHE B 52 -23.11 -5.66 36.74
CA PHE B 52 -21.79 -5.32 37.24
C PHE B 52 -20.79 -5.26 36.08
N ILE B 53 -19.69 -4.55 36.31
CA ILE B 53 -18.76 -4.24 35.23
C ILE B 53 -18.08 -5.50 34.71
N LEU B 54 -17.70 -6.42 35.59
CA LEU B 54 -16.99 -7.62 35.14
C LEU B 54 -17.89 -8.50 34.27
N LEU B 55 -19.15 -8.64 34.65
CA LEU B 55 -20.05 -9.46 33.84
C LEU B 55 -20.33 -8.79 32.50
N GLN B 56 -20.27 -7.46 32.49
CA GLN B 56 -20.40 -6.72 31.23
C GLN B 56 -19.20 -7.07 30.38
N ILE B 57 -18.02 -7.01 30.97
CA ILE B 57 -16.81 -7.32 30.21
C ILE B 57 -16.92 -8.72 29.61
N MET B 58 -17.43 -9.67 30.37
CA MET B 58 -17.62 -11.02 29.85
C MET B 58 -18.58 -11.00 28.67
N ASP B 59 -19.67 -10.24 28.77
CA ASP B 59 -20.61 -10.14 27.67
C ASP B 59 -19.95 -9.54 26.43
N TRP B 60 -19.15 -8.50 26.61
CA TRP B 60 -18.48 -7.87 25.46
C TRP B 60 -17.46 -8.81 24.85
N VAL B 61 -16.77 -9.59 25.67
CA VAL B 61 -15.82 -10.58 25.16
C VAL B 61 -16.55 -11.63 24.32
N LEU B 62 -17.68 -12.11 24.81
CA LEU B 62 -18.43 -13.10 24.06
C LEU B 62 -18.97 -12.53 22.75
N ARG B 63 -19.47 -11.30 22.79
CA ARG B 63 -19.96 -10.66 21.57
C ARG B 63 -18.83 -10.48 20.56
N GLY B 64 -17.65 -10.07 21.04
CA GLY B 64 -16.51 -9.96 20.14
C GLY B 64 -16.09 -11.29 19.55
N ALA B 65 -16.15 -12.34 20.35
CA ALA B 65 -15.83 -13.67 19.84
C ALA B 65 -16.80 -14.07 18.74
N ALA B 66 -18.05 -13.67 18.85
CA ALA B 66 -19.02 -13.94 17.79
C ALA B 66 -18.89 -12.96 16.63
N GLN B 67 -18.26 -11.80 16.84
CA GLN B 67 -18.20 -10.78 15.77
C GLN B 67 -17.27 -11.11 14.60
N VAL B 68 -16.41 -12.12 14.73
CA VAL B 68 -15.59 -12.55 13.59
C VAL B 68 -16.54 -12.99 12.49
N MET B 69 -17.64 -13.61 12.87
CA MET B 69 -18.63 -14.08 11.90
C MET B 69 -19.64 -12.97 11.61
N PHE B 70 -19.35 -11.73 12.01
CA PHE B 70 -20.28 -10.60 11.85
C PHE B 70 -21.57 -10.83 12.64
N VAL B 71 -21.48 -11.50 13.78
CA VAL B 71 -22.65 -11.80 14.58
C VAL B 71 -22.57 -11.09 15.93
N ASN B 72 -23.62 -10.37 16.31
CA ASN B 72 -23.63 -9.70 17.61
C ASN B 72 -24.49 -10.48 18.59
N ASN B 73 -24.17 -11.74 18.79
CA ASN B 73 -24.95 -12.58 19.68
C ASN B 73 -24.06 -13.22 20.74
N PRO B 74 -24.22 -12.89 22.03
CA PRO B 74 -23.40 -13.54 23.07
C PRO B 74 -23.59 -15.04 23.13
N LEU B 75 -24.80 -15.54 22.88
CA LEU B 75 -25.01 -16.97 22.87
C LEU B 75 -24.19 -17.63 21.77
N SER B 76 -24.15 -17.02 20.59
CA SER B 76 -23.28 -17.53 19.54
C SER B 76 -21.82 -17.42 19.96
N GLY B 77 -21.49 -16.45 20.81
CA GLY B 77 -20.14 -16.37 21.34
C GLY B 77 -19.80 -17.56 22.21
N LEU B 78 -20.72 -17.96 23.08
CA LEU B 78 -20.50 -19.17 23.88
C LEU B 78 -20.38 -20.39 22.98
N ILE B 79 -21.20 -20.47 21.94
CA ILE B 79 -21.10 -21.58 20.99
C ILE B 79 -19.74 -21.60 20.32
N ILE B 80 -19.25 -20.43 19.92
CA ILE B 80 -17.95 -20.33 19.27
C ILE B 80 -16.84 -20.76 20.22
N PHE B 81 -16.92 -20.34 21.48
CA PHE B 81 -15.90 -20.74 22.43
C PHE B 81 -15.98 -22.24 22.74
N ALA B 82 -17.18 -22.81 22.71
CA ALA B 82 -17.29 -24.26 22.82
C ALA B 82 -16.58 -24.95 21.66
N GLY B 83 -16.76 -24.43 20.45
CA GLY B 83 -16.05 -24.99 19.31
C GLY B 83 -14.54 -24.87 19.44
N LEU B 84 -14.07 -23.71 19.89
CA LEU B 84 -12.64 -23.51 20.06
C LEU B 84 -12.07 -24.44 21.13
N ILE B 85 -12.80 -24.63 22.23
CA ILE B 85 -12.38 -25.57 23.26
C ILE B 85 -12.34 -26.98 22.69
N LEU B 86 -13.30 -27.33 21.83
CA LEU B 86 -13.29 -28.63 21.19
C LEU B 86 -12.06 -28.80 20.31
N GLN B 87 -11.68 -27.76 19.57
CA GLN B 87 -10.55 -27.87 18.65
C GLN B 87 -9.24 -27.99 19.41
N ASN B 88 -8.89 -26.95 20.17
CA ASN B 88 -7.64 -26.96 20.93
C ASN B 88 -7.79 -26.03 22.12
N ARG B 89 -7.46 -26.51 23.30
CA ARG B 89 -7.65 -25.74 24.47
C ARG B 89 -6.62 -24.66 24.60
N TRP B 90 -5.42 -24.86 24.11
CA TRP B 90 -4.43 -23.79 24.07
C TRP B 90 -4.88 -22.67 23.15
N TRP B 91 -5.42 -23.02 21.99
CA TRP B 91 -5.92 -22.01 21.06
C TRP B 91 -7.05 -21.22 21.69
N ALA B 92 -7.96 -21.90 22.39
CA ALA B 92 -9.07 -21.21 23.02
C ALA B 92 -8.59 -20.27 24.11
N LEU B 93 -7.61 -20.69 24.90
CA LEU B 93 -7.08 -19.82 25.95
C LEU B 93 -6.42 -18.60 25.35
N ASN B 94 -5.62 -18.77 24.29
CA ASN B 94 -5.00 -17.63 23.65
C ASN B 94 -6.05 -16.69 23.06
N GLY B 95 -7.08 -17.26 22.45
CA GLY B 95 -8.14 -16.41 21.91
C GLY B 95 -8.85 -15.62 22.99
N PHE B 96 -9.16 -16.27 24.11
CA PHE B 96 -9.85 -15.59 25.19
C PHE B 96 -9.01 -14.47 25.77
N VAL B 97 -7.72 -14.74 26.02
CA VAL B 97 -6.88 -13.71 26.60
C VAL B 97 -6.69 -12.57 25.61
N GLY B 98 -6.59 -12.89 24.31
CA GLY B 98 -6.45 -11.85 23.31
C GLY B 98 -7.68 -10.95 23.23
N THR B 99 -8.86 -11.55 23.23
CA THR B 99 -10.06 -10.73 23.11
C THR B 99 -10.32 -9.94 24.39
N VAL B 100 -10.03 -10.51 25.55
CA VAL B 100 -10.25 -9.76 26.78
C VAL B 100 -9.29 -8.59 26.86
N PHE B 101 -8.04 -8.76 26.41
CA PHE B 101 -7.12 -7.64 26.46
C PHE B 101 -7.39 -6.63 25.36
N ALA B 102 -7.95 -7.06 24.23
CA ALA B 102 -8.41 -6.09 23.23
C ALA B 102 -9.53 -5.23 23.80
N THR B 103 -10.48 -5.85 24.49
CA THR B 103 -11.56 -5.07 25.11
C THR B 103 -11.01 -4.11 26.17
N ILE B 104 -10.07 -4.59 26.99
CA ILE B 104 -9.50 -3.75 28.04
C ILE B 104 -8.74 -2.57 27.43
N SER B 105 -7.98 -2.83 26.36
CA SER B 105 -7.26 -1.75 25.70
C SER B 105 -8.21 -0.75 25.07
N ALA B 106 -9.32 -1.23 24.51
CA ALA B 106 -10.32 -0.31 23.99
C ALA B 106 -10.90 0.55 25.10
N LEU B 107 -11.06 -0.01 26.30
CA LEU B 107 -11.56 0.79 27.42
C LEU B 107 -10.53 1.83 27.87
N ILE B 108 -9.27 1.42 28.01
CA ILE B 108 -8.28 2.35 28.56
C ILE B 108 -7.99 3.49 27.61
N LEU B 109 -8.23 3.28 26.31
CA LEU B 109 -8.03 4.33 25.32
C LEU B 109 -9.28 5.18 25.12
N CYS B 110 -10.33 4.94 25.90
CA CYS B 110 -11.56 5.71 25.85
C CYS B 110 -12.19 5.69 24.45
N GLN B 111 -12.27 4.49 23.88
CA GLN B 111 -13.04 4.31 22.66
C GLN B 111 -14.52 4.18 22.98
N ASN B 112 -15.34 4.30 21.95
CA ASN B 112 -16.79 4.37 22.13
C ASN B 112 -17.31 3.08 22.75
N ARG B 113 -18.03 3.22 23.87
CA ARG B 113 -18.54 2.03 24.54
C ARG B 113 -19.71 1.39 23.82
N GLY B 114 -20.38 2.12 22.93
CA GLY B 114 -21.33 1.48 22.05
C GLY B 114 -20.64 0.49 21.15
N ALA B 115 -19.42 0.84 20.71
CA ALA B 115 -18.65 -0.06 19.85
C ALA B 115 -18.06 -1.21 20.64
N ILE B 116 -17.52 -0.95 21.83
CA ILE B 116 -16.95 -2.02 22.64
C ILE B 116 -18.04 -3.00 23.06
N ALA B 117 -19.20 -2.48 23.47
CA ALA B 117 -20.30 -3.33 23.90
C ALA B 117 -20.87 -4.14 22.76
N ALA B 118 -20.61 -3.75 21.52
CA ALA B 118 -21.05 -4.52 20.37
C ALA B 118 -20.00 -5.49 19.88
N GLY B 119 -18.90 -5.65 20.61
CA GLY B 119 -17.86 -6.57 20.24
C GLY B 119 -17.06 -6.16 19.02
N LEU B 120 -17.04 -4.87 18.70
CA LEU B 120 -16.35 -4.39 17.52
C LEU B 120 -14.86 -4.22 17.75
N TYR B 121 -14.37 -4.40 18.97
CA TYR B 121 -12.96 -4.29 19.27
C TYR B 121 -12.35 -5.59 19.76
N GLY B 122 -13.17 -6.61 20.04
CA GLY B 122 -12.66 -7.85 20.58
C GLY B 122 -12.42 -8.93 19.57
N TYR B 123 -13.05 -8.85 18.39
CA TYR B 123 -12.88 -9.91 17.40
C TYR B 123 -11.46 -9.93 16.85
N ASN B 124 -10.88 -8.76 16.66
CA ASN B 124 -9.49 -8.70 16.25
C ASN B 124 -8.59 -9.36 17.29
N GLY B 125 -8.89 -9.15 18.56
CA GLY B 125 -8.09 -9.75 19.61
C GLY B 125 -8.19 -11.26 19.64
N ILE B 126 -9.40 -11.80 19.50
CA ILE B 126 -9.55 -13.25 19.52
C ILE B 126 -8.88 -13.85 18.31
N LEU B 127 -8.97 -13.19 17.15
CA LEU B 127 -8.29 -13.71 15.98
C LEU B 127 -6.77 -13.66 16.18
N VAL B 128 -6.25 -12.58 16.76
CA VAL B 128 -4.82 -12.49 17.01
C VAL B 128 -4.35 -13.63 17.90
N GLY B 129 -5.05 -13.84 19.02
CA GLY B 129 -4.67 -14.91 19.92
C GLY B 129 -4.74 -16.27 19.26
N LEU B 130 -5.86 -16.55 18.58
CA LEU B 130 -6.05 -17.85 17.96
C LEU B 130 -4.98 -18.13 16.92
N LEU B 131 -4.69 -17.15 16.07
CA LEU B 131 -3.76 -17.40 14.98
C LEU B 131 -2.31 -17.36 15.42
N MET B 132 -1.97 -16.61 16.47
CA MET B 132 -0.65 -16.78 17.07
C MET B 132 -0.49 -18.16 17.67
N ALA B 133 -1.55 -18.69 18.29
CA ALA B 133 -1.48 -20.07 18.76
C ALA B 133 -1.34 -21.04 17.60
N VAL B 134 -2.04 -20.79 16.49
CA VAL B 134 -2.02 -21.69 15.36
C VAL B 134 -0.65 -21.72 14.69
N PHE B 135 -0.07 -20.55 14.48
CA PHE B 135 1.16 -20.44 13.69
C PHE B 135 2.43 -20.58 14.51
N SER B 136 2.34 -20.65 15.83
CA SER B 136 3.52 -20.76 16.67
C SER B 136 4.08 -22.18 16.59
N ASN B 137 5.38 -22.27 16.33
CA ASN B 137 6.07 -23.55 16.30
C ASN B 137 6.65 -23.93 17.65
N ALA B 138 6.38 -23.15 18.69
CA ALA B 138 6.95 -23.42 20.00
C ALA B 138 6.26 -24.57 20.71
N GLY B 139 5.13 -25.04 20.21
CA GLY B 139 4.43 -26.16 20.81
C GLY B 139 3.27 -25.72 21.67
N ASP B 140 2.43 -26.69 22.02
CA ASP B 140 1.27 -26.40 22.86
C ASP B 140 1.71 -26.02 24.27
N TRP B 141 0.96 -25.10 24.86
CA TRP B 141 1.21 -24.63 26.22
C TRP B 141 2.59 -24.01 26.35
N TYR B 142 2.90 -23.10 25.43
CA TYR B 142 4.07 -22.23 25.49
C TYR B 142 3.61 -20.92 26.08
N TRP B 143 3.75 -20.80 27.40
CA TRP B 143 3.15 -19.67 28.11
C TRP B 143 3.71 -18.33 27.67
N TRP B 144 4.97 -18.28 27.22
CA TRP B 144 5.54 -17.02 26.78
C TRP B 144 4.78 -16.43 25.61
N LEU B 145 4.08 -17.25 24.83
CA LEU B 145 3.28 -16.74 23.73
C LEU B 145 2.19 -15.81 24.21
N LEU B 146 1.81 -15.90 25.49
CA LEU B 146 0.83 -14.96 26.03
C LEU B 146 1.37 -13.53 25.98
N LEU B 147 2.67 -13.37 26.19
CA LEU B 147 3.25 -12.03 26.26
C LEU B 147 3.07 -11.24 24.97
N PRO B 148 3.36 -11.76 23.78
CA PRO B 148 2.98 -11.02 22.57
C PRO B 148 1.49 -11.00 22.35
N ASN B 149 0.80 -12.09 22.72
CA ASN B 149 -0.65 -12.13 22.58
C ASN B 149 -1.32 -10.96 23.28
N ILE B 150 -0.72 -10.53 24.39
CA ILE B 150 -1.23 -9.37 25.10
C ILE B 150 -0.94 -8.12 24.28
N PHE B 151 0.32 -7.91 23.91
CA PHE B 151 0.68 -6.67 23.20
C PHE B 151 -0.02 -6.46 21.86
N MET B 152 -0.11 -7.52 21.06
CA MET B 152 -0.78 -7.40 19.77
C MET B 152 -2.26 -7.15 20.00
N SER B 153 -2.81 -7.74 21.05
CA SER B 153 -4.22 -7.51 21.38
C SER B 153 -4.42 -6.08 21.86
N MET B 154 -3.49 -5.58 22.66
CA MET B 154 -3.58 -4.18 23.12
C MET B 154 -3.45 -3.23 21.94
N ALA B 155 -2.78 -3.67 20.89
CA ALA B 155 -2.65 -2.85 19.69
C ALA B 155 -3.85 -3.02 18.75
N CYS B 156 -4.72 -3.97 19.02
CA CYS B 156 -5.91 -4.14 18.18
C CYS B 156 -6.80 -2.91 18.19
N PRO B 157 -7.09 -2.28 19.34
CA PRO B 157 -7.84 -1.01 19.28
C PRO B 157 -7.10 0.09 18.54
N ILE B 158 -5.85 0.36 18.93
CA ILE B 158 -5.09 1.45 18.31
C ILE B 158 -5.16 1.36 16.79
N VAL B 159 -4.65 0.26 16.24
CA VAL B 159 -4.66 0.10 14.79
C VAL B 159 -6.06 0.21 14.25
N SER B 160 -7.05 -0.37 14.93
CA SER B 160 -8.42 -0.26 14.49
C SER B 160 -8.81 1.20 14.29
N SER B 161 -8.59 2.03 15.31
CA SER B 161 -8.88 3.45 15.16
C SER B 161 -8.07 4.04 14.03
N ALA B 162 -6.78 3.68 13.94
CA ALA B 162 -5.95 4.19 12.88
C ALA B 162 -6.53 3.87 11.52
N LEU B 163 -7.13 2.70 11.38
CA LEU B 163 -7.76 2.37 10.11
C LEU B 163 -9.11 3.06 9.97
N ALA B 164 -9.87 3.16 11.06
CA ALA B 164 -11.21 3.70 10.97
C ALA B 164 -11.20 5.13 10.45
N SER B 165 -10.22 5.88 10.88
CA SER B 165 -10.14 7.24 10.45
C SER B 165 -9.95 7.34 8.98
N ILE B 166 -9.08 6.53 8.41
CA ILE B 166 -8.87 6.54 7.00
C ILE B 166 -10.09 6.07 6.28
N ASN B 167 -10.72 5.03 6.76
CA ASN B 167 -11.82 4.47 6.06
C ASN B 167 -13.15 5.06 6.36
N SER B 168 -13.32 5.79 7.43
CA SER B 168 -14.58 6.47 7.65
C SER B 168 -14.86 7.52 6.61
N ARG B 169 -13.83 7.99 5.91
CA ARG B 169 -14.03 9.00 4.87
C ARG B 169 -14.92 8.46 3.75
N TRP B 170 -14.69 7.22 3.35
CA TRP B 170 -15.49 6.56 2.34
C TRP B 170 -16.65 5.78 2.93
N ASP B 171 -16.83 5.86 4.25
CA ASP B 171 -17.89 5.14 4.96
C ASP B 171 -17.75 3.65 4.71
N LEU B 172 -16.59 3.10 5.10
CA LEU B 172 -16.33 1.67 4.96
C LEU B 172 -15.97 1.18 6.35
N PRO B 173 -16.07 -0.15 6.58
CA PRO B 173 -15.58 -0.62 7.87
C PRO B 173 -14.14 -1.07 7.94
N VAL B 174 -13.62 -1.23 9.16
CA VAL B 174 -12.23 -1.62 9.35
C VAL B 174 -12.04 -3.03 8.80
N PHE B 175 -13.06 -3.87 8.86
CA PHE B 175 -13.01 -5.20 8.26
C PHE B 175 -11.93 -6.20 8.68
N THR B 176 -11.49 -6.18 9.94
CA THR B 176 -10.49 -7.13 10.44
C THR B 176 -9.10 -6.84 9.87
N LEU B 177 -8.93 -5.70 9.23
CA LEU B 177 -7.59 -5.30 8.78
C LEU B 177 -6.63 -5.21 10.00
N PRO B 178 -7.10 -4.69 11.17
CA PRO B 178 -6.12 -4.67 12.28
C PRO B 178 -5.53 -6.04 12.53
N PHE B 179 -6.36 -7.09 12.58
CA PHE B 179 -5.80 -8.38 12.86
C PHE B 179 -4.77 -8.72 11.91
N ASN B 180 -5.02 -8.45 10.65
CA ASN B 180 -4.10 -8.90 9.66
C ASN B 180 -2.82 -8.21 9.93
N ILE B 181 -2.82 -6.90 10.01
CA ILE B 181 -1.55 -6.23 10.18
C ILE B 181 -0.80 -6.80 11.38
N LEU B 182 -1.48 -6.97 12.50
CA LEU B 182 -0.81 -7.44 13.71
C LEU B 182 -0.28 -8.87 13.70
N VAL B 183 -1.07 -9.79 13.14
CA VAL B 183 -0.63 -11.18 13.15
C VAL B 183 0.54 -11.32 12.19
N CYS B 184 0.47 -10.66 11.04
CA CYS B 184 1.58 -10.70 10.10
C CYS B 184 2.79 -10.00 10.70
N LEU B 185 2.58 -8.81 11.24
CA LEU B 185 3.66 -8.04 11.84
C LEU B 185 4.37 -8.85 12.91
N HIS B 186 3.63 -9.69 13.63
CA HIS B 186 4.28 -10.55 14.60
C HIS B 186 5.15 -11.59 13.90
N MET B 187 4.56 -12.36 12.99
CA MET B 187 5.21 -13.54 12.48
C MET B 187 6.04 -13.27 11.24
N VAL B 188 6.19 -12.01 10.85
CA VAL B 188 7.31 -11.59 10.03
C VAL B 188 8.43 -11.01 10.89
N ALA B 189 8.11 -10.47 12.07
CA ALA B 189 9.15 -9.96 12.95
C ALA B 189 9.91 -11.08 13.63
N THR B 190 9.23 -12.18 13.92
CA THR B 190 9.85 -13.34 14.55
C THR B 190 10.35 -14.35 13.53
N GLY B 191 9.45 -14.89 12.72
CA GLY B 191 9.84 -15.83 11.69
C GLY B 191 10.12 -17.21 12.23
N HIS B 192 10.44 -18.11 11.30
CA HIS B 192 10.72 -19.49 11.68
C HIS B 192 12.00 -19.61 12.48
N TYR B 193 13.00 -18.79 12.16
CA TYR B 193 14.29 -18.87 12.81
C TYR B 193 14.38 -17.81 13.91
N ASN B 194 13.49 -17.94 14.88
CA ASN B 194 13.51 -17.06 16.05
C ASN B 194 13.54 -17.93 17.29
N GLN B 195 14.45 -17.59 18.21
CA GLN B 195 14.72 -18.45 19.33
C GLN B 195 13.60 -18.41 20.36
N TYR B 196 12.88 -17.29 20.45
CA TYR B 196 11.84 -17.14 21.46
C TYR B 196 10.46 -17.48 20.94
N PHE B 197 10.08 -16.99 19.76
CA PHE B 197 8.75 -17.21 19.20
C PHE B 197 8.85 -17.74 17.78
N PRO B 198 9.25 -19.00 17.62
CA PRO B 198 9.33 -19.57 16.27
C PRO B 198 7.95 -19.75 15.68
N GLN B 199 7.87 -19.58 14.35
CA GLN B 199 6.64 -19.79 13.61
C GLN B 199 6.85 -20.88 12.57
N ILE B 200 5.74 -21.37 12.03
CA ILE B 200 5.82 -22.46 11.07
C ILE B 200 6.46 -21.97 9.79
N LEU B 201 7.15 -22.87 9.10
CA LEU B 201 7.83 -22.51 7.86
C LEU B 201 6.84 -22.51 6.72
N ILE B 202 6.71 -21.37 6.05
CA ILE B 202 5.83 -21.21 4.90
C ILE B 202 6.74 -20.80 3.73
N GLN B 203 7.07 -21.75 2.90
CA GLN B 203 7.95 -21.52 1.78
C GLN B 203 7.16 -21.46 0.48
N PRO B 204 7.58 -20.66 -0.48
CA PRO B 204 6.83 -20.57 -1.74
C PRO B 204 6.99 -21.83 -2.55
N THR B 205 6.00 -22.10 -3.40
CA THR B 205 6.00 -23.32 -4.19
C THR B 205 7.11 -23.25 -5.22
N THR B 206 8.01 -24.23 -5.20
CA THR B 206 9.12 -24.31 -6.13
C THR B 206 9.12 -25.60 -6.93
N SER B 207 7.99 -26.30 -6.98
CA SER B 207 7.89 -27.51 -7.75
C SER B 207 6.49 -27.65 -8.32
N MET B 208 6.41 -28.20 -9.53
CA MET B 208 5.13 -28.41 -10.18
C MET B 208 4.38 -29.55 -9.49
N SER B 209 3.08 -29.37 -9.30
CA SER B 209 2.26 -30.32 -8.56
C SER B 209 1.40 -31.11 -9.53
N ASN B 210 1.41 -32.44 -9.37
CA ASN B 210 0.66 -33.34 -10.25
C ASN B 210 -0.71 -33.57 -9.65
N LEU B 211 -1.66 -32.68 -9.96
CA LEU B 211 -3.01 -32.82 -9.41
C LEU B 211 -3.80 -33.85 -10.19
N THR B 212 -4.26 -34.90 -9.53
CA THR B 212 -5.00 -35.94 -10.23
C THR B 212 -6.48 -35.92 -9.87
N TRP B 213 -7.35 -35.71 -10.86
CA TRP B 213 -8.78 -35.63 -10.59
C TRP B 213 -9.34 -36.94 -10.07
N SER B 214 -8.75 -38.06 -10.49
CA SER B 214 -9.18 -39.37 -10.00
C SER B 214 -8.94 -39.48 -8.50
N GLU B 215 -7.82 -38.94 -8.04
CA GLU B 215 -7.47 -39.00 -6.62
C GLU B 215 -8.45 -38.23 -5.74
N LEU B 216 -9.16 -37.27 -6.32
CA LEU B 216 -10.06 -36.42 -5.54
C LEU B 216 -11.09 -37.23 -4.75
N ASP B 217 -11.28 -36.87 -3.49
CA ASP B 217 -12.27 -37.55 -2.66
C ASP B 217 -13.42 -36.59 -2.47
N TYR B 218 -14.63 -37.05 -2.73
CA TYR B 218 -15.78 -36.16 -2.67
C TYR B 218 -16.34 -35.95 -1.26
N ALA B 219 -16.26 -36.96 -0.39
CA ALA B 219 -16.72 -36.72 0.97
C ALA B 219 -15.96 -35.58 1.62
N GLN B 220 -14.63 -35.57 1.47
CA GLN B 220 -13.84 -34.48 2.03
C GLN B 220 -14.10 -33.17 1.32
N LEU B 221 -14.31 -33.22 -0.01
CA LEU B 221 -14.61 -32.00 -0.74
C LEU B 221 -15.87 -31.35 -0.20
N PHE B 222 -16.94 -32.12 -0.05
CA PHE B 222 -18.18 -31.55 0.46
C PHE B 222 -18.12 -31.27 1.95
N ARG B 223 -17.21 -31.93 2.67
CA ARG B 223 -16.95 -31.61 4.07
C ARG B 223 -16.16 -30.32 4.21
N SER B 224 -15.57 -29.83 3.12
CA SER B 224 -14.83 -28.58 3.18
C SER B 224 -15.68 -27.37 3.53
N ILE B 225 -17.01 -27.46 3.43
CA ILE B 225 -17.86 -26.33 3.79
C ILE B 225 -17.74 -26.08 5.30
N PRO B 226 -18.08 -27.03 6.18
CA PRO B 226 -17.86 -26.78 7.62
C PRO B 226 -16.41 -26.54 7.96
N VAL B 227 -15.47 -27.18 7.27
CA VAL B 227 -14.08 -26.97 7.59
C VAL B 227 -13.67 -25.53 7.27
N GLY B 228 -14.24 -24.96 6.20
CA GLY B 228 -13.98 -23.55 5.93
C GLY B 228 -14.58 -22.63 6.97
N ILE B 229 -15.82 -22.90 7.37
CA ILE B 229 -16.43 -22.11 8.44
C ILE B 229 -15.57 -22.20 9.71
N GLY B 230 -14.96 -23.36 9.94
CA GLY B 230 -14.05 -23.49 11.06
C GLY B 230 -12.77 -22.69 10.87
N GLN B 231 -12.20 -22.75 9.66
CA GLN B 231 -10.97 -22.02 9.38
C GLN B 231 -11.15 -20.53 9.58
N VAL B 232 -12.39 -20.05 9.52
CA VAL B 232 -12.63 -18.64 9.86
C VAL B 232 -11.96 -18.30 11.19
N TYR B 233 -12.00 -19.22 12.14
CA TYR B 233 -11.35 -19.05 13.43
C TYR B 233 -10.03 -19.81 13.54
N GLY B 234 -9.63 -20.53 12.50
CA GLY B 234 -8.41 -21.30 12.53
C GLY B 234 -8.58 -22.77 12.85
N CYS B 235 -9.81 -23.24 13.01
CA CYS B 235 -10.07 -24.63 13.37
C CYS B 235 -10.30 -25.46 12.12
N ASP B 236 -9.61 -26.60 12.05
CA ASP B 236 -9.68 -27.50 10.90
C ASP B 236 -10.58 -28.69 11.13
N ASN B 237 -11.40 -28.67 12.17
CA ASN B 237 -12.25 -29.79 12.53
C ASN B 237 -13.67 -29.53 12.03
N ALA B 238 -14.26 -30.53 11.38
CA ALA B 238 -15.59 -30.35 10.81
C ALA B 238 -16.65 -30.13 11.88
N TRP B 239 -16.50 -30.78 13.03
CA TRP B 239 -17.44 -30.57 14.11
C TRP B 239 -17.45 -29.13 14.59
N THR B 240 -16.25 -28.53 14.65
CA THR B 240 -16.17 -27.11 15.01
C THR B 240 -16.88 -26.24 13.99
N GLY B 241 -16.77 -26.59 12.71
CA GLY B 241 -17.49 -25.84 11.70
C GLY B 241 -18.99 -25.98 11.83
N GLY B 242 -19.45 -27.18 12.16
CA GLY B 242 -20.88 -27.37 12.40
C GLY B 242 -21.36 -26.56 13.59
N ILE B 243 -20.55 -26.52 14.65
CA ILE B 243 -20.86 -25.69 15.81
C ILE B 243 -20.95 -24.24 15.40
N PHE B 244 -20.03 -23.79 14.54
CA PHE B 244 -20.07 -22.41 14.08
C PHE B 244 -21.33 -22.13 13.26
N MET B 245 -21.73 -23.06 12.39
CA MET B 245 -22.98 -22.85 11.65
C MET B 245 -24.17 -22.82 12.57
N ILE B 246 -24.17 -23.64 13.62
CA ILE B 246 -25.26 -23.59 14.59
C ILE B 246 -25.30 -22.22 15.25
N ALA B 247 -24.14 -21.69 15.60
CA ALA B 247 -24.07 -20.35 16.20
C ALA B 247 -24.62 -19.30 15.25
N LEU B 248 -24.29 -19.41 13.97
CA LEU B 248 -24.81 -18.48 12.97
C LEU B 248 -26.33 -18.59 12.85
N PHE B 249 -26.85 -19.82 12.78
CA PHE B 249 -28.27 -19.99 12.57
C PHE B 249 -29.08 -19.54 13.78
N ILE B 250 -28.50 -19.60 14.98
CA ILE B 250 -29.17 -19.03 16.14
C ILE B 250 -29.40 -17.54 15.93
N SER B 251 -28.46 -16.85 15.29
CA SER B 251 -28.54 -15.40 15.15
C SER B 251 -29.24 -14.98 13.87
N SER B 252 -28.72 -15.39 12.72
CA SER B 252 -29.28 -14.94 11.46
C SER B 252 -29.18 -16.02 10.39
N PRO B 253 -30.31 -16.57 9.94
CA PRO B 253 -30.26 -17.57 8.87
C PRO B 253 -29.66 -17.06 7.58
N ILE B 254 -29.79 -15.77 7.28
CA ILE B 254 -29.19 -15.22 6.06
C ILE B 254 -27.68 -15.35 6.13
N THR B 255 -27.10 -15.06 7.29
CA THR B 255 -25.66 -15.21 7.46
C THR B 255 -25.24 -16.66 7.29
N PHE B 256 -26.04 -17.60 7.80
CA PHE B 256 -25.74 -19.01 7.62
C PHE B 256 -25.75 -19.41 6.15
N ALA B 257 -26.77 -18.95 5.42
CA ALA B 257 -26.86 -19.28 4.00
C ALA B 257 -25.68 -18.72 3.24
N HIS B 258 -25.35 -17.45 3.50
CA HIS B 258 -24.21 -16.85 2.81
C HIS B 258 -22.90 -17.49 3.24
N ALA B 259 -22.83 -18.01 4.47
CA ALA B 259 -21.64 -18.71 4.92
C ALA B 259 -21.42 -20.00 4.14
N THR B 260 -22.46 -20.83 4.04
CA THR B 260 -22.34 -22.05 3.26
C THR B 260 -22.03 -21.75 1.80
N ILE B 261 -22.68 -20.71 1.25
CA ILE B 261 -22.43 -20.36 -0.15
C ILE B 261 -21.01 -19.90 -0.34
N GLY B 262 -20.47 -19.12 0.59
CA GLY B 262 -19.10 -18.67 0.47
C GLY B 262 -18.10 -19.81 0.55
N SER B 263 -18.31 -20.74 1.48
CA SER B 263 -17.42 -21.90 1.56
C SER B 263 -17.49 -22.73 0.28
N ALA B 264 -18.69 -22.91 -0.26
CA ALA B 264 -18.83 -23.66 -1.51
C ALA B 264 -18.13 -22.94 -2.66
N VAL B 265 -18.23 -21.62 -2.70
CA VAL B 265 -17.55 -20.85 -3.73
C VAL B 265 -16.05 -21.04 -3.61
N GLY B 266 -15.53 -21.01 -2.39
CA GLY B 266 -14.10 -21.25 -2.19
C GLY B 266 -13.68 -22.62 -2.67
N MET B 267 -14.48 -23.64 -2.36
CA MET B 267 -14.22 -24.99 -2.86
C MET B 267 -14.14 -25.01 -4.38
N VAL B 268 -15.17 -24.48 -5.04
CA VAL B 268 -15.24 -24.55 -6.49
C VAL B 268 -14.07 -23.79 -7.11
N SER B 269 -13.77 -22.61 -6.56
CA SER B 269 -12.67 -21.82 -7.08
C SER B 269 -11.34 -22.54 -6.92
N GLY B 270 -11.12 -23.16 -5.76
CA GLY B 270 -9.90 -23.91 -5.57
C GLY B 270 -9.77 -25.05 -6.56
N LEU B 271 -10.89 -25.69 -6.88
CA LEU B 271 -10.87 -26.67 -7.96
C LEU B 271 -10.50 -26.01 -9.28
N ALA B 272 -11.01 -24.81 -9.53
CA ALA B 272 -10.83 -24.14 -10.81
C ALA B 272 -9.43 -23.59 -11.01
N LEU B 273 -8.68 -23.35 -9.93
CA LEU B 273 -7.35 -22.78 -10.03
C LEU B 273 -6.26 -23.82 -9.77
N ALA B 274 -6.59 -25.10 -9.92
CA ALA B 274 -5.62 -26.19 -9.76
C ALA B 274 -4.97 -26.15 -8.38
N ALA B 275 -5.77 -25.84 -7.37
CA ALA B 275 -5.25 -25.82 -6.01
C ALA B 275 -5.02 -27.25 -5.51
N PRO B 276 -4.01 -27.45 -4.67
CA PRO B 276 -3.81 -28.79 -4.10
C PRO B 276 -5.03 -29.24 -3.33
N PHE B 277 -5.33 -30.53 -3.44
CA PHE B 277 -6.57 -31.06 -2.89
C PHE B 277 -6.59 -30.97 -1.37
N LYS B 278 -5.45 -31.24 -0.72
CA LYS B 278 -5.41 -31.19 0.73
C LYS B 278 -5.76 -29.80 1.25
N ASN B 279 -5.46 -28.76 0.47
CA ASN B 279 -5.80 -27.41 0.91
C ASN B 279 -7.29 -27.17 0.83
N ILE B 280 -7.95 -27.64 -0.23
CA ILE B 280 -9.39 -27.50 -0.34
C ILE B 280 -10.08 -28.29 0.76
N TYR B 281 -9.57 -29.49 1.05
CA TYR B 281 -10.16 -30.31 2.11
C TYR B 281 -10.09 -29.61 3.45
N MET B 282 -8.96 -28.99 3.76
CA MET B 282 -8.79 -28.28 5.01
C MET B 282 -9.40 -26.90 5.01
N GLY B 283 -10.21 -26.56 4.01
CA GLY B 283 -10.96 -25.33 4.05
C GLY B 283 -10.13 -24.07 3.95
N LEU B 284 -8.86 -24.17 3.55
CA LEU B 284 -8.03 -22.99 3.42
C LEU B 284 -8.49 -22.09 2.28
N TRP B 285 -9.39 -22.56 1.44
CA TRP B 285 -9.94 -21.76 0.36
C TRP B 285 -11.30 -21.17 0.69
N GLY B 286 -11.79 -21.37 1.90
CA GLY B 286 -13.16 -21.00 2.22
C GLY B 286 -13.37 -19.85 3.16
N TYR B 287 -12.51 -19.72 4.17
CA TYR B 287 -12.68 -18.68 5.21
C TYR B 287 -12.73 -17.26 4.72
N ASN B 288 -11.89 -16.92 3.76
CA ASN B 288 -11.96 -15.60 3.14
C ASN B 288 -13.26 -15.44 2.36
N CYS B 289 -13.64 -16.49 1.62
CA CYS B 289 -14.85 -16.42 0.81
C CYS B 289 -16.10 -16.31 1.67
N VAL B 290 -16.16 -17.07 2.77
CA VAL B 290 -17.32 -16.98 3.65
C VAL B 290 -17.42 -15.60 4.27
N LEU B 291 -16.30 -15.03 4.72
CA LEU B 291 -16.35 -13.69 5.28
C LEU B 291 -16.81 -12.68 4.23
N ALA B 292 -16.29 -12.79 3.01
CA ALA B 292 -16.68 -11.87 1.95
C ALA B 292 -18.16 -11.99 1.62
N CYS B 293 -18.68 -13.22 1.58
CA CYS B 293 -20.08 -13.42 1.24
C CYS B 293 -20.99 -12.90 2.36
N ILE B 294 -20.57 -13.04 3.61
CA ILE B 294 -21.39 -12.47 4.68
C ILE B 294 -21.47 -10.96 4.54
N ALA B 295 -20.31 -10.29 4.47
CA ALA B 295 -20.29 -8.82 4.40
C ALA B 295 -20.93 -8.19 3.16
N ILE B 296 -20.69 -8.78 1.98
CA ILE B 296 -21.22 -8.19 0.74
C ILE B 296 -22.63 -8.69 0.45
N GLY B 297 -23.10 -9.62 1.28
CA GLY B 297 -24.47 -10.07 1.14
C GLY B 297 -25.30 -9.17 2.02
N GLY B 298 -25.87 -9.73 3.07
CA GLY B 298 -26.67 -8.94 4.00
C GLY B 298 -26.08 -7.83 4.83
N MET B 299 -24.85 -8.00 5.32
CA MET B 299 -24.29 -7.02 6.28
C MET B 299 -24.08 -5.53 5.93
N PHE B 300 -23.53 -5.20 4.77
CA PHE B 300 -23.24 -3.77 4.49
C PHE B 300 -24.04 -3.34 3.29
N TYR B 301 -24.42 -4.30 2.46
CA TYR B 301 -25.29 -4.04 1.33
C TYR B 301 -26.66 -4.60 1.65
N ALA B 302 -27.70 -3.86 1.30
CA ALA B 302 -29.07 -4.35 1.53
C ALA B 302 -29.32 -5.59 0.68
N LEU B 303 -29.94 -6.60 1.30
CA LEU B 303 -30.11 -7.89 0.64
C LEU B 303 -31.09 -7.77 -0.51
N THR B 304 -30.57 -7.80 -1.72
CA THR B 304 -31.36 -7.87 -2.94
C THR B 304 -30.70 -8.92 -3.82
N TRP B 305 -31.47 -9.48 -4.75
CA TRP B 305 -30.90 -10.49 -5.64
C TRP B 305 -29.64 -9.95 -6.33
N GLN B 306 -29.66 -8.68 -6.71
CA GLN B 306 -28.45 -8.06 -7.25
C GLN B 306 -27.32 -8.09 -6.23
N THR B 307 -27.64 -7.78 -4.97
CA THR B 307 -26.65 -7.84 -3.90
C THR B 307 -26.15 -9.26 -3.67
N HIS B 308 -27.03 -10.25 -3.77
CA HIS B 308 -26.61 -11.63 -3.55
C HIS B 308 -25.67 -12.10 -4.65
N LEU B 309 -25.98 -11.77 -5.92
CA LEU B 309 -25.03 -12.10 -6.97
C LEU B 309 -23.73 -11.33 -6.82
N LEU B 310 -23.80 -10.08 -6.34
CA LEU B 310 -22.57 -9.36 -6.03
C LEU B 310 -21.79 -10.07 -4.95
N ALA B 311 -22.48 -10.68 -3.99
CA ALA B 311 -21.81 -11.40 -2.91
C ALA B 311 -21.12 -12.65 -3.44
N VAL B 312 -21.78 -13.38 -4.34
CA VAL B 312 -21.15 -14.56 -4.93
C VAL B 312 -19.95 -14.16 -5.78
N ALA B 313 -20.08 -13.07 -6.55
CA ALA B 313 -18.96 -12.59 -7.33
C ALA B 313 -17.81 -12.14 -6.43
N CYS B 314 -18.13 -11.50 -5.31
CA CYS B 314 -17.10 -11.09 -4.37
C CYS B 314 -16.44 -12.31 -3.73
N ALA B 315 -17.21 -13.37 -3.50
CA ALA B 315 -16.62 -14.59 -2.96
C ALA B 315 -15.64 -15.21 -3.95
N PHE B 316 -16.01 -15.24 -5.24
CA PHE B 316 -15.08 -15.76 -6.25
C PHE B 316 -13.83 -14.88 -6.34
N PHE B 317 -13.98 -13.57 -6.26
CA PHE B 317 -12.82 -12.71 -6.37
C PHE B 317 -11.95 -12.98 -5.23
N CYS B 318 -12.57 -13.20 -4.07
CA CYS B 318 -11.81 -13.40 -2.84
C CYS B 318 -10.95 -14.64 -2.90
N ALA B 319 -11.42 -15.67 -3.57
CA ALA B 319 -10.62 -16.88 -3.72
C ALA B 319 -9.36 -16.61 -4.53
N TYR B 320 -9.50 -15.80 -5.56
CA TYR B 320 -8.34 -15.44 -6.36
C TYR B 320 -7.37 -14.68 -5.49
N LEU B 321 -7.90 -13.80 -4.63
CA LEU B 321 -7.04 -13.06 -3.72
C LEU B 321 -6.32 -13.99 -2.78
N GLY B 322 -7.02 -15.01 -2.28
CA GLY B 322 -6.40 -15.98 -1.39
C GLY B 322 -5.28 -16.73 -2.08
N SER B 323 -5.48 -17.09 -3.35
CA SER B 323 -4.41 -17.74 -4.08
C SER B 323 -3.26 -16.75 -4.27
N ALA B 324 -3.59 -15.53 -4.64
CA ALA B 324 -2.61 -14.50 -4.83
C ALA B 324 -1.92 -14.01 -3.63
N ILE B 325 -2.64 -13.78 -2.55
CA ILE B 325 -2.05 -13.20 -1.40
C ILE B 325 -1.35 -14.33 -0.73
N GLY B 326 -1.82 -15.54 -0.89
CA GLY B 326 -1.05 -16.63 -0.34
C GLY B 326 0.28 -16.80 -1.05
N ASN B 327 0.27 -16.75 -2.38
CA ASN B 327 1.53 -16.87 -3.11
C ASN B 327 2.45 -15.69 -2.86
N VAL B 328 1.92 -14.47 -2.82
CA VAL B 328 2.78 -13.30 -2.67
C VAL B 328 3.37 -13.24 -1.26
N MET B 329 2.63 -13.73 -0.27
CA MET B 329 3.12 -13.68 1.10
C MET B 329 3.89 -14.92 1.51
N SER B 330 3.84 -15.99 0.73
CA SER B 330 4.66 -17.16 1.05
C SER B 330 6.13 -16.88 0.86
N ASN B 331 6.49 -15.86 0.09
CA ASN B 331 7.90 -15.50 -0.04
C ASN B 331 8.44 -14.90 1.25
N PHE B 332 7.60 -14.18 1.99
CA PHE B 332 7.97 -13.58 3.26
C PHE B 332 7.87 -14.55 4.43
N GLY B 333 7.45 -15.78 4.18
CA GLY B 333 7.15 -16.70 5.26
C GLY B 333 5.92 -16.30 6.05
N LEU B 334 4.92 -15.74 5.42
CA LEU B 334 3.76 -15.29 6.14
C LEU B 334 2.56 -15.99 5.58
N PRO B 335 1.51 -16.13 6.36
CA PRO B 335 0.29 -16.70 5.87
C PRO B 335 -0.57 -15.68 5.20
N ALA B 336 -1.62 -16.05 4.50
CA ALA B 336 -2.52 -15.06 3.94
C ALA B 336 -3.65 -15.20 4.84
N CYS B 337 -3.87 -14.25 5.71
CA CYS B 337 -4.86 -14.45 6.68
C CYS B 337 -5.82 -13.36 6.75
N THR B 338 -6.91 -13.47 6.04
CA THR B 338 -7.95 -12.50 6.06
C THR B 338 -7.56 -11.28 5.28
N TRP B 339 -6.37 -11.25 4.72
CA TRP B 339 -6.01 -10.18 3.84
C TRP B 339 -6.89 -10.30 2.63
N PRO B 340 -7.17 -11.52 2.18
CA PRO B 340 -8.05 -11.55 1.06
C PRO B 340 -9.45 -10.98 1.21
N PHE B 341 -10.13 -11.21 2.31
CA PHE B 341 -11.46 -10.70 2.55
C PHE B 341 -11.51 -9.25 2.60
N CYS B 342 -10.58 -8.66 3.29
CA CYS B 342 -10.66 -7.27 3.45
C CYS B 342 -10.48 -6.66 2.13
N LEU B 343 -9.55 -7.15 1.35
CA LEU B 343 -9.29 -6.47 0.12
C LEU B 343 -10.41 -6.69 -0.85
N SER B 344 -11.13 -7.79 -0.81
CA SER B 344 -12.31 -7.96 -1.67
C SER B 344 -13.54 -7.20 -1.20
N ALA B 345 -13.93 -7.38 0.06
CA ALA B 345 -15.08 -6.67 0.58
C ALA B 345 -14.92 -5.15 0.45
N LEU B 346 -13.70 -4.64 0.71
CA LEU B 346 -13.48 -3.21 0.52
C LEU B 346 -13.63 -2.81 -0.93
N THR B 347 -13.15 -3.64 -1.85
CA THR B 347 -13.29 -3.33 -3.27
C THR B 347 -14.74 -3.31 -3.70
N PHE B 348 -15.52 -4.29 -3.24
CA PHE B 348 -16.91 -4.37 -3.65
C PHE B 348 -17.79 -3.38 -2.91
N LEU B 349 -17.32 -2.83 -1.79
CA LEU B 349 -18.05 -1.78 -1.09
C LEU B 349 -17.74 -0.39 -1.62
N LEU B 350 -16.71 -0.25 -2.45
CA LEU B 350 -16.34 1.03 -3.02
C LEU B 350 -16.90 1.27 -4.42
N ILE B 351 -17.48 0.24 -5.04
CA ILE B 351 -17.97 0.40 -6.41
C ILE B 351 -19.21 1.27 -6.42
N THR B 352 -19.26 2.20 -7.36
CA THR B 352 -20.38 3.11 -7.53
C THR B 352 -21.12 2.72 -8.80
N THR B 353 -22.43 2.53 -8.68
CA THR B 353 -23.28 2.17 -9.80
C THR B 353 -24.44 3.15 -9.89
N GLU B 354 -25.12 3.13 -11.01
CA GLU B 354 -26.32 3.93 -11.21
C GLU B 354 -27.59 3.18 -10.85
N THR B 355 -27.49 1.96 -10.34
CA THR B 355 -28.65 1.18 -9.94
C THR B 355 -28.97 1.45 -8.47
N LYS B 356 -30.24 1.62 -8.17
CA LYS B 356 -30.69 1.82 -6.80
C LYS B 356 -30.93 0.52 -6.08
N PHE B 357 -30.67 -0.62 -6.72
CA PHE B 357 -30.85 -1.92 -6.11
C PHE B 357 -29.60 -2.43 -5.41
N ILE B 358 -28.42 -1.98 -5.82
CA ILE B 358 -27.19 -2.25 -5.09
C ILE B 358 -27.02 -1.10 -4.11
N HIS B 359 -27.64 -1.24 -2.95
CA HIS B 359 -27.73 -0.16 -1.97
C HIS B 359 -26.70 -0.39 -0.87
N LYS B 360 -25.83 0.60 -0.66
CA LYS B 360 -24.82 0.53 0.38
C LYS B 360 -25.36 1.19 1.63
N LEU B 361 -25.36 0.45 2.72
CA LEU B 361 -25.94 0.95 3.95
C LEU B 361 -24.97 1.89 4.67
N PRO B 362 -25.50 2.89 5.44
CA PRO B 362 -24.51 3.67 6.20
C PRO B 362 -23.98 2.81 7.35
N LEU B 363 -22.78 3.07 7.83
CA LEU B 363 -22.17 2.21 8.86
C LEU B 363 -22.92 2.13 10.19
N ALA B 364 -23.40 3.26 10.68
CA ALA B 364 -24.11 3.27 11.96
C ALA B 364 -25.37 2.43 11.86
N LYS B 365 -26.08 2.53 10.73
CA LYS B 365 -27.32 1.77 10.54
C LYS B 365 -27.11 0.28 10.39
N VAL B 366 -25.91 -0.13 9.98
CA VAL B 366 -25.64 -1.56 9.75
C VAL B 366 -25.85 -2.43 10.98
N ALA B 367 -26.52 -3.57 10.80
CA ALA B 367 -26.75 -4.51 11.90
C ALA B 367 -26.78 -5.88 11.26
N TYR B 368 -27.39 -6.87 11.88
CA TYR B 368 -27.51 -8.17 11.25
C TYR B 368 -28.44 -8.09 10.04
N PRO B 369 -28.26 -8.97 9.05
CA PRO B 369 -28.93 -8.77 7.76
C PRO B 369 -30.44 -8.62 7.83
N GLU B 370 -31.10 -9.18 8.84
CA GLU B 370 -32.54 -9.01 8.93
C GLU B 370 -32.91 -7.57 9.25
N GLN B 371 -32.21 -6.94 10.21
CA GLN B 371 -32.46 -5.53 10.48
C GLN B 371 -32.08 -4.66 9.29
N ASN B 372 -31.01 -5.03 8.57
CA ASN B 372 -30.65 -4.28 7.38
C ASN B 372 -31.76 -4.35 6.35
N LEU B 373 -32.34 -5.54 6.16
CA LEU B 373 -33.42 -5.70 5.21
C LEU B 373 -34.65 -4.90 5.63
N ARG B 374 -34.99 -4.92 6.92
CA ARG B 374 -36.14 -4.17 7.41
C ARG B 374 -35.92 -2.67 7.26
N TYR B 375 -34.72 -2.20 7.55
CA TYR B 375 -34.38 -0.78 7.38
C TYR B 375 -34.48 -0.38 5.92
N TYR B 376 -33.97 -1.23 5.02
CA TYR B 376 -34.07 -0.94 3.59
C TYR B 376 -35.52 -0.86 3.16
N TRP B 377 -36.32 -1.74 3.66
CA TRP B 377 -37.66 -1.78 3.17
C TRP B 377 -38.47 -0.63 3.68
N LYS B 378 -38.23 -0.22 4.89
CA LYS B 378 -38.91 0.94 5.41
C LYS B 378 -38.53 2.14 4.64
N MET B 379 -37.28 2.27 4.30
CA MET B 379 -36.82 3.42 3.61
C MET B 379 -37.51 3.53 2.28
N LYS B 380 -37.65 2.42 1.58
CA LYS B 380 -38.27 2.46 0.28
C LYS B 380 -39.72 2.81 0.38
N LYS B 381 -40.41 2.30 1.37
CA LYS B 381 -41.79 2.62 1.55
C LYS B 381 -41.86 4.08 1.81
N LYS C 27 -8.34 19.95 -51.74
CA LYS C 27 -7.65 20.74 -50.72
C LYS C 27 -8.52 20.90 -49.47
N ALA C 28 -9.68 21.52 -49.61
CA ALA C 28 -10.53 21.73 -48.45
C ALA C 28 -11.07 20.41 -48.00
N ASN C 29 -11.20 19.46 -48.94
CA ASN C 29 -11.74 18.15 -48.61
C ASN C 29 -10.77 17.38 -47.76
N LEU C 30 -9.49 17.42 -48.11
CA LEU C 30 -8.48 16.73 -47.33
C LEU C 30 -8.41 17.32 -45.93
N ILE C 31 -8.49 18.64 -45.84
CA ILE C 31 -8.46 19.30 -44.54
C ILE C 31 -9.65 18.89 -43.69
N LYS C 32 -10.83 18.83 -44.30
CA LYS C 32 -12.03 18.42 -43.56
C LYS C 32 -11.91 17.00 -43.06
N TRP C 33 -11.39 16.12 -43.90
CA TRP C 33 -11.21 14.72 -43.49
C TRP C 33 -10.22 14.63 -42.34
N VAL C 34 -9.15 15.41 -42.42
CA VAL C 34 -8.14 15.40 -41.36
C VAL C 34 -8.74 15.89 -40.06
N SER C 35 -9.57 16.93 -40.12
CA SER C 35 -10.22 17.45 -38.92
C SER C 35 -11.15 16.41 -38.31
N PHE C 36 -11.77 15.60 -39.18
CA PHE C 36 -12.73 14.53 -38.75
C PHE C 36 -12.18 13.27 -38.14
N ILE C 37 -11.04 12.81 -38.58
CA ILE C 37 -10.41 11.65 -38.01
C ILE C 37 -9.45 12.07 -36.96
N SER C 38 -9.48 13.32 -36.59
CA SER C 38 -8.56 13.83 -35.62
C SER C 38 -9.13 14.11 -34.31
N GLY C 39 -8.52 13.55 -33.32
CA GLY C 39 -8.97 13.77 -31.99
C GLY C 39 -10.16 12.98 -31.73
N ASP C 40 -10.70 13.13 -30.55
CA ASP C 40 -11.97 12.46 -30.29
C ASP C 40 -12.94 12.79 -31.41
N MET C 41 -13.47 11.75 -32.05
CA MET C 41 -14.39 11.93 -33.16
C MET C 41 -15.72 12.41 -32.60
N ALA C 42 -15.83 13.73 -32.42
CA ALA C 42 -17.05 14.30 -31.88
C ALA C 42 -18.23 14.05 -32.82
N ALA C 43 -18.04 14.25 -34.12
CA ALA C 43 -19.11 14.01 -35.07
C ALA C 43 -19.48 12.54 -35.11
N PHE C 44 -18.48 11.66 -35.17
CA PHE C 44 -18.75 10.24 -35.18
C PHE C 44 -19.39 9.79 -33.88
N GLY C 45 -18.93 10.32 -32.75
CA GLY C 45 -19.53 9.96 -31.48
C GLY C 45 -20.98 10.39 -31.37
N GLU C 46 -21.29 11.60 -31.83
CA GLU C 46 -22.68 12.07 -31.81
C GLU C 46 -23.54 11.24 -32.76
N TRP C 47 -23.03 10.71 -33.84
CA TRP C 47 -23.84 9.87 -34.70
C TRP C 47 -24.07 8.53 -34.16
N MET C 48 -23.11 7.99 -33.47
CA MET C 48 -23.20 6.65 -33.00
C MET C 48 -24.33 6.44 -32.08
N LYS C 49 -24.69 7.44 -31.34
CA LYS C 49 -25.69 7.23 -30.34
C LYS C 49 -26.91 6.74 -31.04
N GLY C 50 -27.18 7.27 -32.21
CA GLY C 50 -28.30 6.81 -32.98
C GLY C 50 -28.27 5.40 -33.47
N GLN C 51 -27.16 4.91 -33.95
CA GLN C 51 -27.18 3.59 -34.54
C GLN C 51 -27.44 2.38 -33.66
N PHE C 52 -27.35 1.18 -34.17
CA PHE C 52 -27.77 -0.02 -33.46
C PHE C 52 -26.80 -0.32 -32.32
N ILE C 53 -27.29 -1.08 -31.33
CA ILE C 53 -26.54 -1.28 -30.09
C ILE C 53 -25.25 -2.05 -30.34
N LEU C 54 -25.29 -3.08 -31.19
CA LEU C 54 -24.09 -3.90 -31.41
C LEU C 54 -22.98 -3.08 -32.08
N LEU C 55 -23.34 -2.25 -33.04
CA LEU C 55 -22.33 -1.44 -33.71
C LEU C 55 -21.78 -0.40 -32.76
N GLN C 56 -22.60 0.03 -31.80
CA GLN C 56 -22.13 0.95 -30.78
C GLN C 56 -21.10 0.21 -29.94
N ILE C 57 -21.44 -1.01 -29.55
CA ILE C 57 -20.51 -1.79 -28.73
C ILE C 57 -19.18 -1.94 -29.45
N MET C 58 -19.23 -2.18 -30.76
CA MET C 58 -17.99 -2.27 -31.53
C MET C 58 -17.22 -0.95 -31.48
N ASP C 59 -17.93 0.17 -31.60
CA ASP C 59 -17.27 1.47 -31.51
C ASP C 59 -16.63 1.67 -30.15
N TRP C 60 -17.32 1.30 -29.07
CA TRP C 60 -16.76 1.46 -27.74
C TRP C 60 -15.56 0.56 -27.53
N VAL C 61 -15.60 -0.66 -28.08
CA VAL C 61 -14.46 -1.56 -28.00
C VAL C 61 -13.26 -0.96 -28.71
N LEU C 62 -13.46 -0.41 -29.90
CA LEU C 62 -12.35 0.19 -30.62
C LEU C 62 -11.80 1.40 -29.89
N ARG C 63 -12.68 2.24 -29.34
CA ARG C 63 -12.21 3.39 -28.57
C ARG C 63 -11.42 2.96 -27.35
N GLY C 64 -11.89 1.92 -26.65
CA GLY C 64 -11.14 1.41 -25.53
C GLY C 64 -9.79 0.84 -25.93
N ALA C 65 -9.73 0.17 -27.07
CA ALA C 65 -8.45 -0.33 -27.56
C ALA C 65 -7.48 0.80 -27.83
N ALA C 66 -7.99 1.94 -28.30
CA ALA C 66 -7.13 3.10 -28.49
C ALA C 66 -6.86 3.85 -27.19
N GLN C 67 -7.67 3.64 -26.15
CA GLN C 67 -7.50 4.42 -24.90
C GLN C 67 -6.29 4.04 -24.06
N VAL C 68 -5.62 2.91 -24.35
CA VAL C 68 -4.39 2.58 -23.64
C VAL C 68 -3.39 3.69 -23.94
N MET C 69 -3.43 4.22 -25.15
CA MET C 69 -2.52 5.30 -25.54
C MET C 69 -3.13 6.65 -25.19
N PHE C 70 -4.18 6.66 -24.37
CA PHE C 70 -4.90 7.91 -24.03
C PHE C 70 -5.52 8.56 -25.27
N VAL C 71 -5.96 7.74 -26.22
CA VAL C 71 -6.52 8.28 -27.45
C VAL C 71 -7.98 7.86 -27.58
N ASN C 72 -8.87 8.82 -27.84
CA ASN C 72 -10.28 8.51 -28.00
C ASN C 72 -10.65 8.51 -29.48
N ASN C 73 -9.96 7.71 -30.27
CA ASN C 73 -10.20 7.68 -31.71
C ASN C 73 -10.50 6.26 -32.16
N PRO C 74 -11.70 5.95 -32.64
CA PRO C 74 -11.97 4.59 -33.14
C PRO C 74 -11.08 4.18 -34.30
N LEU C 75 -10.73 5.13 -35.19
CA LEU C 75 -9.84 4.79 -36.29
C LEU C 75 -8.49 4.36 -35.77
N SER C 76 -7.97 5.07 -34.75
CA SER C 76 -6.74 4.61 -34.12
C SER C 76 -6.94 3.27 -33.45
N GLY C 77 -8.16 2.96 -33.02
CA GLY C 77 -8.43 1.64 -32.48
C GLY C 77 -8.30 0.56 -33.53
N LEU C 78 -8.83 0.80 -34.73
CA LEU C 78 -8.63 -0.15 -35.82
C LEU C 78 -7.15 -0.29 -36.17
N ILE C 79 -6.42 0.82 -36.16
CA ILE C 79 -4.98 0.75 -36.42
C ILE C 79 -4.28 -0.09 -35.37
N ILE C 80 -4.65 0.10 -34.10
CA ILE C 80 -4.06 -0.67 -33.01
C ILE C 80 -4.37 -2.15 -33.16
N PHE C 81 -5.60 -2.49 -33.53
CA PHE C 81 -5.93 -3.90 -33.71
C PHE C 81 -5.23 -4.48 -34.92
N ALA C 82 -4.99 -3.69 -35.95
CA ALA C 82 -4.17 -4.14 -37.07
C ALA C 82 -2.76 -4.47 -36.60
N GLY C 83 -2.20 -3.62 -35.75
CA GLY C 83 -0.89 -3.91 -35.20
C GLY C 83 -0.86 -5.16 -34.36
N LEU C 84 -1.88 -5.35 -33.53
CA LEU C 84 -1.95 -6.54 -32.69
C LEU C 84 -2.09 -7.80 -33.54
N ILE C 85 -2.91 -7.74 -34.59
CA ILE C 85 -3.04 -8.87 -35.50
C ILE C 85 -1.71 -9.15 -36.18
N LEU C 86 -0.96 -8.10 -36.52
CA LEU C 86 0.37 -8.29 -37.10
C LEU C 86 1.30 -8.99 -36.13
N GLN C 87 1.25 -8.61 -34.85
CA GLN C 87 2.17 -9.20 -33.87
C GLN C 87 1.82 -10.65 -33.59
N ASN C 88 0.64 -10.91 -33.06
CA ASN C 88 0.22 -12.27 -32.76
C ASN C 88 -1.29 -12.33 -32.77
N ARG C 89 -1.84 -13.30 -33.48
CA ARG C 89 -3.24 -13.38 -33.63
C ARG C 89 -3.90 -13.90 -32.39
N TRP C 90 -3.24 -14.75 -31.64
CA TRP C 90 -3.76 -15.18 -30.35
C TRP C 90 -3.84 -14.03 -29.37
N TRP C 91 -2.80 -13.19 -29.35
CA TRP C 91 -2.80 -12.02 -28.47
C TRP C 91 -3.93 -11.07 -28.85
N ALA C 92 -4.14 -10.87 -30.15
CA ALA C 92 -5.21 -9.97 -30.60
C ALA C 92 -6.58 -10.51 -30.21
N LEU C 93 -6.78 -11.82 -30.34
CA LEU C 93 -8.05 -12.41 -29.97
C LEU C 93 -8.29 -12.27 -28.47
N ASN C 94 -7.27 -12.53 -27.66
CA ASN C 94 -7.43 -12.37 -26.21
C ASN C 94 -7.72 -10.91 -25.87
N GLY C 95 -7.03 -9.97 -26.52
CA GLY C 95 -7.29 -8.58 -26.26
C GLY C 95 -8.70 -8.17 -26.63
N PHE C 96 -9.18 -8.64 -27.77
CA PHE C 96 -10.53 -8.29 -28.21
C PHE C 96 -11.57 -8.86 -27.26
N VAL C 97 -11.42 -10.12 -26.86
CA VAL C 97 -12.42 -10.70 -25.96
C VAL C 97 -12.36 -10.02 -24.60
N GLY C 98 -11.16 -9.66 -24.15
CA GLY C 98 -11.05 -8.97 -22.88
C GLY C 98 -11.71 -7.62 -22.89
N THR C 99 -11.48 -6.84 -23.94
CA THR C 99 -12.07 -5.51 -23.98
C THR C 99 -13.58 -5.56 -24.18
N VAL C 100 -14.06 -6.51 -24.99
CA VAL C 100 -15.50 -6.61 -25.18
C VAL C 100 -16.19 -7.03 -23.89
N PHE C 101 -15.56 -7.92 -23.12
CA PHE C 101 -16.20 -8.32 -21.87
C PHE C 101 -16.04 -7.25 -20.79
N ALA C 102 -14.98 -6.44 -20.85
CA ALA C 102 -14.90 -5.30 -19.95
C ALA C 102 -16.02 -4.31 -20.24
N THR C 103 -16.28 -4.04 -21.52
CA THR C 103 -17.39 -3.15 -21.86
C THR C 103 -18.73 -3.72 -21.43
N ILE C 104 -18.93 -5.02 -21.63
CA ILE C 104 -20.19 -5.65 -21.25
C ILE C 104 -20.37 -5.61 -19.74
N SER C 105 -19.30 -5.87 -18.98
CA SER C 105 -19.39 -5.80 -17.53
C SER C 105 -19.66 -4.39 -17.06
N ALA C 106 -19.08 -3.38 -17.73
CA ALA C 106 -19.40 -2.00 -17.39
C ALA C 106 -20.87 -1.70 -17.65
N LEU C 107 -21.44 -2.30 -18.69
CA LEU C 107 -22.86 -2.08 -18.95
C LEU C 107 -23.73 -2.76 -17.90
N ILE C 108 -23.42 -4.02 -17.56
CA ILE C 108 -24.31 -4.75 -16.65
C ILE C 108 -24.27 -4.17 -15.25
N LEU C 109 -23.18 -3.48 -14.89
CA LEU C 109 -23.07 -2.85 -13.59
C LEU C 109 -23.62 -1.43 -13.59
N CYS C 110 -24.19 -0.98 -14.70
CA CYS C 110 -24.80 0.34 -14.82
C CYS C 110 -23.81 1.45 -14.50
N GLN C 111 -22.62 1.35 -15.11
CA GLN C 111 -21.67 2.44 -15.06
C GLN C 111 -22.03 3.49 -16.10
N ASN C 112 -21.42 4.67 -15.97
CA ASN C 112 -21.79 5.81 -16.80
C ASN C 112 -21.52 5.51 -18.26
N ARG C 113 -22.53 5.69 -19.10
CA ARG C 113 -22.36 5.39 -20.51
C ARG C 113 -21.56 6.46 -21.25
N GLY C 114 -21.43 7.64 -20.68
CA GLY C 114 -20.49 8.60 -21.22
C GLY C 114 -19.07 8.06 -21.09
N ALA C 115 -18.81 7.38 -19.98
CA ALA C 115 -17.49 6.79 -19.75
C ALA C 115 -17.27 5.54 -20.60
N ILE C 116 -18.28 4.67 -20.70
CA ILE C 116 -18.14 3.48 -21.52
C ILE C 116 -17.99 3.85 -22.99
N ALA C 117 -18.77 4.81 -23.46
CA ALA C 117 -18.70 5.24 -24.84
C ALA C 117 -17.39 5.92 -25.18
N ALA C 118 -16.66 6.39 -24.17
CA ALA C 118 -15.35 6.99 -24.37
C ALA C 118 -14.22 5.98 -24.23
N GLY C 119 -14.54 4.70 -24.10
CA GLY C 119 -13.53 3.68 -23.98
C GLY C 119 -12.78 3.68 -22.69
N LEU C 120 -13.34 4.27 -21.63
CA LEU C 120 -12.65 4.36 -20.36
C LEU C 120 -12.75 3.09 -19.54
N TYR C 121 -13.51 2.10 -19.99
CA TYR C 121 -13.62 0.84 -19.28
C TYR C 121 -13.09 -0.34 -20.09
N GLY C 122 -12.76 -0.14 -21.35
CA GLY C 122 -12.32 -1.23 -22.19
C GLY C 122 -10.82 -1.37 -22.32
N TYR C 123 -10.07 -0.32 -22.04
CA TYR C 123 -8.61 -0.40 -22.21
C TYR C 123 -8.00 -1.33 -21.18
N ASN C 124 -8.53 -1.33 -19.96
CA ASN C 124 -8.06 -2.28 -18.97
C ASN C 124 -8.31 -3.71 -19.43
N GLY C 125 -9.46 -3.94 -20.07
CA GLY C 125 -9.77 -5.27 -20.54
C GLY C 125 -8.84 -5.73 -21.65
N ILE C 126 -8.56 -4.85 -22.61
CA ILE C 126 -7.67 -5.26 -23.70
C ILE C 126 -6.27 -5.49 -23.17
N LEU C 127 -5.83 -4.68 -22.20
CA LEU C 127 -4.52 -4.93 -21.61
C LEU C 127 -4.49 -6.25 -20.86
N VAL C 128 -5.57 -6.55 -20.12
CA VAL C 128 -5.62 -7.82 -19.39
C VAL C 128 -5.53 -8.99 -20.35
N GLY C 129 -6.33 -8.97 -21.41
CA GLY C 129 -6.28 -10.06 -22.37
C GLY C 129 -4.92 -10.19 -23.04
N LEU C 130 -4.38 -9.07 -23.50
CA LEU C 130 -3.11 -9.09 -24.20
C LEU C 130 -2.00 -9.62 -23.30
N LEU C 131 -1.93 -9.15 -22.06
CA LEU C 131 -0.82 -9.54 -21.22
C LEU C 131 -0.99 -10.92 -20.60
N MET C 132 -2.24 -11.39 -20.42
CA MET C 132 -2.41 -12.81 -20.10
C MET C 132 -1.96 -13.69 -21.25
N ALA C 133 -2.24 -13.26 -22.49
CA ALA C 133 -1.71 -14.01 -23.63
C ALA C 133 -0.19 -13.97 -23.66
N VAL C 134 0.40 -12.82 -23.32
CA VAL C 134 1.84 -12.66 -23.40
C VAL C 134 2.54 -13.50 -22.35
N PHE C 135 2.04 -13.49 -21.12
CA PHE C 135 2.72 -14.12 -19.99
C PHE C 135 2.35 -15.59 -19.81
N SER C 136 1.36 -16.11 -20.53
CA SER C 136 0.97 -17.49 -20.37
C SER C 136 2.00 -18.42 -20.99
N ASN C 137 2.42 -19.42 -20.23
CA ASN C 137 3.35 -20.42 -20.72
C ASN C 137 2.63 -21.63 -21.32
N ALA C 138 1.32 -21.58 -21.42
CA ALA C 138 0.57 -22.71 -21.94
C ALA C 138 0.67 -22.86 -23.45
N GLY C 139 1.21 -21.87 -24.14
CA GLY C 139 1.38 -21.94 -25.58
C GLY C 139 0.28 -21.19 -26.32
N ASP C 140 0.53 -21.00 -27.61
CA ASP C 140 -0.45 -20.31 -28.45
C ASP C 140 -1.70 -21.15 -28.62
N TRP C 141 -2.84 -20.46 -28.69
CA TRP C 141 -4.15 -21.09 -28.88
C TRP C 141 -4.45 -22.08 -27.77
N TYR C 142 -4.29 -21.60 -26.53
CA TYR C 142 -4.73 -22.30 -25.33
C TYR C 142 -6.09 -21.71 -24.97
N TRP C 143 -7.15 -22.36 -25.44
CA TRP C 143 -8.48 -21.78 -25.34
C TRP C 143 -8.93 -21.58 -23.90
N TRP C 144 -8.45 -22.41 -22.96
CA TRP C 144 -8.84 -22.25 -21.57
C TRP C 144 -8.44 -20.89 -21.02
N LEU C 145 -7.39 -20.27 -21.59
CA LEU C 145 -6.99 -18.94 -21.14
C LEU C 145 -8.09 -17.92 -21.33
N LEU C 146 -9.05 -18.20 -22.21
CA LEU C 146 -10.19 -17.30 -22.36
C LEU C 146 -10.99 -17.21 -21.06
N LEU C 147 -11.09 -18.32 -20.34
CA LEU C 147 -11.92 -18.36 -19.14
C LEU C 147 -11.47 -17.38 -18.08
N PRO C 148 -10.19 -17.29 -17.70
CA PRO C 148 -9.78 -16.19 -16.82
C PRO C 148 -9.82 -14.84 -17.51
N ASN C 149 -9.51 -14.81 -18.80
CA ASN C 149 -9.56 -13.56 -19.56
C ASN C 149 -10.93 -12.91 -19.46
N ILE C 150 -11.96 -13.73 -19.37
CA ILE C 150 -13.31 -13.21 -19.19
C ILE C 150 -13.44 -12.65 -17.78
N PHE C 151 -13.13 -13.46 -16.77
CA PHE C 151 -13.33 -13.02 -15.38
C PHE C 151 -12.53 -11.79 -14.98
N MET C 152 -11.27 -11.72 -15.36
CA MET C 152 -10.45 -10.58 -15.03
C MET C 152 -10.97 -9.35 -15.77
N SER C 153 -11.47 -9.56 -16.98
CA SER C 153 -12.04 -8.47 -17.74
C SER C 153 -13.35 -8.00 -17.12
N MET C 154 -14.16 -8.94 -16.65
CA MET C 154 -15.41 -8.57 -15.96
C MET C 154 -15.09 -7.83 -14.67
N ALA C 155 -13.92 -8.09 -14.09
CA ALA C 155 -13.52 -7.38 -12.89
C ALA C 155 -12.86 -6.05 -13.20
N CYS C 156 -12.56 -5.78 -14.46
CA CYS C 156 -11.97 -4.49 -14.81
C CYS C 156 -12.88 -3.32 -14.46
N PRO C 157 -14.18 -3.35 -14.74
CA PRO C 157 -15.05 -2.27 -14.25
C PRO C 157 -15.09 -2.17 -12.74
N ILE C 158 -15.39 -3.27 -12.05
CA ILE C 158 -15.52 -3.25 -10.59
C ILE C 158 -14.32 -2.56 -9.97
N VAL C 159 -13.13 -3.13 -10.18
CA VAL C 159 -11.93 -2.56 -9.59
C VAL C 159 -11.76 -1.11 -10.02
N SER C 160 -12.05 -0.80 -11.29
CA SER C 160 -11.96 0.58 -11.73
C SER C 160 -12.78 1.49 -10.85
N SER C 161 -14.07 1.15 -10.66
CA SER C 161 -14.89 1.96 -9.77
C SER C 161 -14.29 1.99 -8.38
N ALA C 162 -13.84 0.84 -7.88
CA ALA C 162 -13.25 0.79 -6.56
C ALA C 162 -12.07 1.74 -6.44
N LEU C 163 -11.30 1.89 -7.51
CA LEU C 163 -10.21 2.85 -7.46
C LEU C 163 -10.71 4.27 -7.66
N ALA C 164 -11.71 4.46 -8.53
CA ALA C 164 -12.16 5.80 -8.85
C ALA C 164 -12.67 6.52 -7.60
N SER C 165 -13.36 5.79 -6.77
CA SER C 165 -13.87 6.39 -5.58
C SER C 165 -12.80 6.90 -4.70
N ILE C 166 -11.74 6.15 -4.51
CA ILE C 166 -10.63 6.60 -3.71
C ILE C 166 -9.95 7.76 -4.34
N ASN C 167 -9.75 7.71 -5.64
CA ASN C 167 -8.99 8.72 -6.28
C ASN C 167 -9.77 9.91 -6.74
N SER C 168 -11.07 9.83 -6.85
CA SER C 168 -11.83 11.02 -7.19
C SER C 168 -11.75 12.08 -6.10
N ARG C 169 -11.37 11.70 -4.89
CA ARG C 169 -11.25 12.66 -3.81
C ARG C 169 -10.18 13.70 -4.11
N TRP C 170 -9.05 13.24 -4.65
CA TRP C 170 -7.96 14.12 -5.05
C TRP C 170 -8.07 14.54 -6.50
N ASP C 171 -9.15 14.15 -7.18
CA ASP C 171 -9.36 14.46 -8.59
C ASP C 171 -8.20 13.93 -9.43
N LEU C 172 -8.00 12.61 -9.36
CA LEU C 172 -6.96 11.96 -10.13
C LEU C 172 -7.65 10.88 -10.94
N PRO C 173 -7.00 10.39 -12.03
CA PRO C 173 -7.62 9.26 -12.69
C PRO C 173 -7.20 7.86 -12.25
N VAL C 174 -7.96 6.85 -12.67
CA VAL C 174 -7.68 5.49 -12.27
C VAL C 174 -6.34 5.06 -12.86
N PHE C 175 -5.98 5.60 -14.03
CA PHE C 175 -4.66 5.34 -14.63
C PHE C 175 -4.22 3.92 -14.94
N THR C 176 -5.13 3.02 -15.28
CA THR C 176 -4.78 1.63 -15.64
C THR C 176 -4.35 0.82 -14.41
N LEU C 177 -4.56 1.36 -13.22
CA LEU C 177 -4.30 0.59 -12.01
C LEU C 177 -5.17 -0.70 -12.00
N PRO C 178 -6.45 -0.64 -12.47
CA PRO C 178 -7.18 -1.92 -12.45
C PRO C 178 -6.42 -3.00 -13.20
N PHE C 179 -5.89 -2.71 -14.39
CA PHE C 179 -5.22 -3.75 -15.11
C PHE C 179 -4.14 -4.31 -14.32
N ASN C 180 -3.38 -3.46 -13.66
CA ASN C 180 -2.24 -3.95 -12.99
C ASN C 180 -2.70 -4.89 -11.95
N ILE C 181 -3.61 -4.45 -11.09
CA ILE C 181 -4.00 -5.36 -10.02
C ILE C 181 -4.45 -6.70 -10.58
N LEU C 182 -5.28 -6.68 -11.61
CA LEU C 182 -5.82 -7.93 -12.16
C LEU C 182 -4.83 -8.86 -12.84
N VAL C 183 -3.92 -8.30 -13.63
CA VAL C 183 -2.99 -9.15 -14.35
C VAL C 183 -2.01 -9.75 -13.35
N CYS C 184 -1.56 -8.96 -12.39
CA CYS C 184 -0.69 -9.50 -11.36
C CYS C 184 -1.43 -10.51 -10.51
N LEU C 185 -2.63 -10.14 -10.05
CA LEU C 185 -3.44 -11.03 -9.23
C LEU C 185 -3.63 -12.37 -9.91
N HIS C 186 -3.75 -12.37 -11.24
CA HIS C 186 -3.86 -13.63 -11.95
C HIS C 186 -2.55 -14.41 -11.85
N MET C 187 -1.45 -13.80 -12.26
CA MET C 187 -0.22 -14.53 -12.48
C MET C 187 0.66 -14.57 -11.24
N VAL C 188 0.17 -14.09 -10.10
CA VAL C 188 0.67 -14.53 -8.81
C VAL C 188 -0.20 -15.61 -8.21
N ALA C 189 -1.49 -15.67 -8.59
CA ALA C 189 -2.35 -16.74 -8.09
C ALA C 189 -2.06 -18.06 -8.78
N THR C 190 -1.67 -18.01 -10.05
CA THR C 190 -1.33 -19.20 -10.81
C THR C 190 0.16 -19.53 -10.73
N GLY C 191 1.00 -18.63 -11.21
CA GLY C 191 2.43 -18.83 -11.14
C GLY C 191 2.93 -19.78 -12.20
N HIS C 192 4.25 -19.96 -12.20
CA HIS C 192 4.88 -20.84 -13.18
C HIS C 192 4.52 -22.29 -12.94
N TYR C 193 4.37 -22.69 -11.69
CA TYR C 193 4.09 -24.07 -11.35
C TYR C 193 2.59 -24.25 -11.10
N ASN C 194 1.82 -23.99 -12.14
CA ASN C 194 0.37 -24.20 -12.10
C ASN C 194 -0.02 -25.07 -13.26
N GLN C 195 -0.82 -26.10 -12.98
CA GLN C 195 -1.08 -27.12 -13.98
C GLN C 195 -2.04 -26.61 -15.06
N TYR C 196 -2.91 -25.68 -14.71
CA TYR C 196 -3.92 -25.20 -15.65
C TYR C 196 -3.48 -23.94 -16.40
N PHE C 197 -2.94 -22.94 -15.70
CA PHE C 197 -2.55 -21.67 -16.30
C PHE C 197 -1.11 -21.34 -15.93
N PRO C 198 -0.13 -22.04 -16.49
CA PRO C 198 1.25 -21.71 -16.20
C PRO C 198 1.65 -20.37 -16.79
N GLN C 199 2.53 -19.68 -16.08
CA GLN C 199 3.08 -18.41 -16.53
C GLN C 199 4.59 -18.51 -16.66
N ILE C 200 5.17 -17.53 -17.34
CA ILE C 200 6.60 -17.56 -17.59
C ILE C 200 7.36 -17.35 -16.28
N LEU C 201 8.53 -17.95 -16.20
CA LEU C 201 9.33 -17.85 -14.97
C LEU C 201 10.07 -16.53 -14.97
N ILE C 202 9.84 -15.74 -13.93
CA ILE C 202 10.50 -14.45 -13.74
C ILE C 202 11.24 -14.54 -12.42
N GLN C 203 12.52 -14.80 -12.48
CA GLN C 203 13.35 -14.95 -11.30
C GLN C 203 14.20 -13.71 -11.07
N PRO C 204 14.47 -13.36 -9.82
CA PRO C 204 15.27 -12.16 -9.57
C PRO C 204 16.72 -12.39 -9.96
N THR C 205 17.41 -11.30 -10.28
CA THR C 205 18.78 -11.37 -10.73
C THR C 205 19.67 -11.83 -9.58
N THR C 206 20.39 -12.93 -9.77
CA THR C 206 21.28 -13.47 -8.77
C THR C 206 22.72 -13.57 -9.28
N SER C 207 23.05 -12.86 -10.34
CA SER C 207 24.41 -12.88 -10.86
C SER C 207 24.74 -11.51 -11.45
N MET C 208 26.00 -11.11 -11.27
CA MET C 208 26.46 -9.84 -11.82
C MET C 208 26.56 -9.93 -13.33
N SER C 209 26.15 -8.86 -14.01
CA SER C 209 26.07 -8.83 -15.46
C SER C 209 27.21 -7.99 -16.01
N ASN C 210 27.93 -8.53 -16.99
CA ASN C 210 29.07 -7.84 -17.59
C ASN C 210 28.58 -7.05 -18.79
N LEU C 211 28.14 -5.81 -18.55
CA LEU C 211 27.63 -4.98 -19.64
C LEU C 211 28.78 -4.35 -20.39
N THR C 212 28.89 -4.62 -21.69
CA THR C 212 29.98 -4.07 -22.48
C THR C 212 29.51 -2.99 -23.44
N TRP C 213 30.02 -1.77 -23.28
CA TRP C 213 29.57 -0.68 -24.14
C TRP C 213 29.95 -0.90 -25.59
N SER C 214 31.05 -1.59 -25.85
CA SER C 214 31.45 -1.90 -27.21
C SER C 214 30.42 -2.81 -27.88
N GLU C 215 29.86 -3.75 -27.13
CA GLU C 215 28.87 -4.68 -27.66
C GLU C 215 27.58 -3.97 -28.08
N LEU C 216 27.32 -2.79 -27.53
CA LEU C 216 26.07 -2.09 -27.82
C LEU C 216 25.86 -1.85 -29.30
N ASP C 217 24.64 -2.12 -29.77
CA ASP C 217 24.31 -1.91 -31.18
C ASP C 217 23.41 -0.70 -31.24
N TYR C 218 23.75 0.26 -32.09
CA TYR C 218 22.98 1.49 -32.14
C TYR C 218 21.71 1.43 -32.98
N ALA C 219 21.69 0.63 -34.04
CA ALA C 219 20.45 0.49 -34.78
C ALA C 219 19.33 -0.02 -33.89
N GLN C 220 19.61 -1.05 -33.10
CA GLN C 220 18.59 -1.57 -32.19
C GLN C 220 18.27 -0.57 -31.09
N LEU C 221 19.27 0.15 -30.60
CA LEU C 221 19.02 1.15 -29.57
C LEU C 221 18.04 2.20 -30.07
N PHE C 222 18.27 2.74 -31.25
CA PHE C 222 17.36 3.75 -31.78
C PHE C 222 16.05 3.15 -32.28
N ARG C 223 16.04 1.85 -32.58
CA ARG C 223 14.82 1.14 -32.89
C ARG C 223 13.98 0.87 -31.65
N SER C 224 14.57 1.03 -30.47
CA SER C 224 13.83 0.84 -29.23
C SER C 224 12.68 1.81 -29.04
N ILE C 225 12.65 2.92 -29.77
CA ILE C 225 11.54 3.87 -29.63
C ILE C 225 10.25 3.20 -30.11
N PRO C 226 10.14 2.77 -31.38
CA PRO C 226 8.93 2.05 -31.78
C PRO C 226 8.69 0.79 -30.99
N VAL C 227 9.76 0.09 -30.59
CA VAL C 227 9.55 -1.14 -29.83
C VAL C 227 8.94 -0.83 -28.48
N GLY C 228 9.30 0.30 -27.87
CA GLY C 228 8.65 0.71 -26.64
C GLY C 228 7.19 1.08 -26.83
N ILE C 229 6.90 1.83 -27.89
CA ILE C 229 5.51 2.14 -28.20
C ILE C 229 4.72 0.86 -28.40
N GLY C 230 5.35 -0.16 -28.97
CA GLY C 230 4.70 -1.46 -29.11
C GLY C 230 4.50 -2.16 -27.77
N GLN C 231 5.53 -2.11 -26.92
CA GLN C 231 5.45 -2.75 -25.60
C GLN C 231 4.32 -2.17 -24.79
N VAL C 232 3.90 -0.95 -25.09
CA VAL C 232 2.72 -0.40 -24.42
C VAL C 232 1.57 -1.41 -24.46
N TYR C 233 1.43 -2.12 -25.59
CA TYR C 233 0.43 -3.16 -25.74
C TYR C 233 0.99 -4.55 -25.58
N GLY C 234 2.30 -4.70 -25.36
CA GLY C 234 2.92 -6.00 -25.24
C GLY C 234 3.58 -6.51 -26.49
N CYS C 235 3.61 -5.73 -27.57
CA CYS C 235 4.18 -6.16 -28.83
C CYS C 235 5.64 -5.72 -28.93
N ASP C 236 6.51 -6.65 -29.30
CA ASP C 236 7.94 -6.41 -29.39
C ASP C 236 8.41 -6.18 -30.83
N ASN C 237 7.49 -5.95 -31.75
CA ASN C 237 7.82 -5.80 -33.17
C ASN C 237 7.85 -4.31 -33.51
N ALA C 238 8.91 -3.89 -34.20
CA ALA C 238 9.06 -2.48 -34.52
C ALA C 238 7.97 -1.98 -35.47
N TRP C 239 7.52 -2.85 -36.39
CA TRP C 239 6.45 -2.46 -37.29
C TRP C 239 5.17 -2.16 -36.53
N THR C 240 4.89 -2.95 -35.48
CA THR C 240 3.72 -2.69 -34.65
C THR C 240 3.85 -1.35 -33.95
N GLY C 241 5.05 -1.00 -33.50
CA GLY C 241 5.27 0.30 -32.89
C GLY C 241 5.07 1.44 -33.88
N GLY C 242 5.51 1.25 -35.12
CA GLY C 242 5.27 2.26 -36.13
C GLY C 242 3.79 2.43 -36.42
N ILE C 243 3.07 1.31 -36.45
CA ILE C 243 1.61 1.35 -36.61
C ILE C 243 0.98 2.13 -35.46
N PHE C 244 1.47 1.89 -34.24
CA PHE C 244 0.94 2.61 -33.09
C PHE C 244 1.22 4.11 -33.20
N MET C 245 2.43 4.49 -33.63
CA MET C 245 2.70 5.92 -33.81
C MET C 245 1.82 6.52 -34.89
N ILE C 246 1.54 5.78 -35.96
CA ILE C 246 0.64 6.27 -36.97
C ILE C 246 -0.74 6.51 -36.37
N ALA C 247 -1.20 5.57 -35.55
CA ALA C 247 -2.50 5.73 -34.89
C ALA C 247 -2.51 6.97 -34.00
N LEU C 248 -1.42 7.21 -33.28
CA LEU C 248 -1.33 8.41 -32.44
C LEU C 248 -1.37 9.68 -33.29
N PHE C 249 -0.59 9.70 -34.38
CA PHE C 249 -0.51 10.92 -35.18
C PHE C 249 -1.82 11.22 -35.88
N ILE C 250 -2.61 10.20 -36.18
CA ILE C 250 -3.95 10.45 -36.72
C ILE C 250 -4.78 11.25 -35.72
N SER C 251 -4.60 10.99 -34.43
CA SER C 251 -5.43 11.63 -33.41
C SER C 251 -4.81 12.92 -32.89
N SER C 252 -3.60 12.84 -32.32
CA SER C 252 -3.01 14.02 -31.71
C SER C 252 -1.50 14.01 -31.89
N PRO C 253 -0.95 14.96 -32.66
CA PRO C 253 0.51 15.03 -32.81
C PRO C 253 1.25 15.27 -31.51
N ILE C 254 0.63 15.97 -30.55
CA ILE C 254 1.29 16.18 -29.27
C ILE C 254 1.51 14.85 -28.55
N THR C 255 0.52 13.96 -28.60
CA THR C 255 0.67 12.66 -28.00
C THR C 255 1.78 11.86 -28.69
N PHE C 256 1.89 11.98 -30.01
CA PHE C 256 2.96 11.31 -30.73
C PHE C 256 4.33 11.83 -30.31
N ALA C 257 4.47 13.15 -30.19
CA ALA C 257 5.74 13.72 -29.79
C ALA C 257 6.11 13.27 -28.39
N HIS C 258 5.16 13.33 -27.46
CA HIS C 258 5.45 12.90 -26.11
C HIS C 258 5.69 11.40 -26.03
N ALA C 259 5.10 10.63 -26.95
CA ALA C 259 5.35 9.20 -27.00
C ALA C 259 6.79 8.89 -27.39
N THR C 260 7.26 9.52 -28.47
CA THR C 260 8.65 9.31 -28.87
C THR C 260 9.60 9.81 -27.80
N ILE C 261 9.28 10.95 -27.17
CA ILE C 261 10.16 11.48 -26.12
C ILE C 261 10.20 10.53 -24.93
N GLY C 262 9.05 9.96 -24.56
CA GLY C 262 9.04 9.03 -23.44
C GLY C 262 9.84 7.78 -23.72
N SER C 263 9.70 7.22 -24.92
CA SER C 263 10.49 6.04 -25.26
C SER C 263 11.98 6.35 -25.27
N ALA C 264 12.35 7.53 -25.79
CA ALA C 264 13.75 7.93 -25.77
C ALA C 264 14.26 8.09 -24.35
N VAL C 265 13.43 8.65 -23.46
CA VAL C 265 13.83 8.81 -22.08
C VAL C 265 14.04 7.45 -21.43
N GLY C 266 13.16 6.49 -21.72
CA GLY C 266 13.35 5.16 -21.20
C GLY C 266 14.64 4.52 -21.69
N MET C 267 14.94 4.69 -22.97
CA MET C 267 16.22 4.22 -23.52
C MET C 267 17.41 4.80 -22.76
N VAL C 268 17.43 6.13 -22.64
CA VAL C 268 18.58 6.80 -22.02
C VAL C 268 18.71 6.38 -20.57
N SER C 269 17.59 6.30 -19.85
CA SER C 269 17.61 5.88 -18.46
C SER C 269 18.12 4.46 -18.31
N GLY C 270 17.66 3.55 -19.18
CA GLY C 270 18.15 2.19 -19.13
C GLY C 270 19.65 2.11 -19.36
N LEU C 271 20.16 2.96 -20.25
CA LEU C 271 21.60 3.07 -20.40
C LEU C 271 22.24 3.57 -19.11
N ALA C 272 21.60 4.53 -18.44
CA ALA C 272 22.17 5.17 -17.27
C ALA C 272 22.14 4.28 -16.03
N LEU C 273 21.27 3.29 -15.97
CA LEU C 273 21.15 2.42 -14.81
C LEU C 273 21.76 1.04 -15.05
N ALA C 274 22.66 0.92 -16.03
CA ALA C 274 23.34 -0.33 -16.34
C ALA C 274 22.36 -1.46 -16.63
N ALA C 275 21.28 -1.14 -17.34
CA ALA C 275 20.30 -2.15 -17.69
C ALA C 275 20.87 -3.05 -18.78
N PRO C 276 20.48 -4.33 -18.79
CA PRO C 276 20.93 -5.21 -19.86
C PRO C 276 20.48 -4.69 -21.22
N PHE C 277 21.34 -4.85 -22.21
CA PHE C 277 21.09 -4.25 -23.51
C PHE C 277 19.88 -4.86 -24.19
N LYS C 278 19.70 -6.17 -24.06
CA LYS C 278 18.57 -6.83 -24.72
C LYS C 278 17.25 -6.27 -24.20
N ASN C 279 17.21 -5.82 -22.95
CA ASN C 279 15.99 -5.25 -22.41
C ASN C 279 15.70 -3.89 -23.03
N ILE C 280 16.72 -3.05 -23.19
CA ILE C 280 16.52 -1.76 -23.83
C ILE C 280 16.11 -1.95 -25.29
N TYR C 281 16.72 -2.92 -25.97
CA TYR C 281 16.36 -3.18 -27.35
C TYR C 281 14.89 -3.58 -27.48
N MET C 282 14.41 -4.43 -26.59
CA MET C 282 13.03 -4.87 -26.62
C MET C 282 12.06 -3.87 -26.00
N GLY C 283 12.51 -2.65 -25.74
CA GLY C 283 11.60 -1.61 -25.31
C GLY C 283 10.99 -1.80 -23.94
N LEU C 284 11.51 -2.72 -23.13
CA LEU C 284 10.98 -2.94 -21.80
C LEU C 284 11.20 -1.75 -20.88
N TRP C 285 12.03 -0.79 -21.30
CA TRP C 285 12.28 0.41 -20.52
C TRP C 285 11.47 1.60 -21.02
N GLY C 286 10.61 1.41 -22.01
CA GLY C 286 9.97 2.54 -22.65
C GLY C 286 8.48 2.70 -22.44
N TYR C 287 7.74 1.60 -22.35
CA TYR C 287 6.27 1.65 -22.25
C TYR C 287 5.74 2.41 -21.05
N ASN C 288 6.36 2.25 -19.90
CA ASN C 288 5.97 3.04 -18.74
C ASN C 288 6.30 4.51 -18.95
N CYS C 289 7.48 4.79 -19.53
CA CYS C 289 7.90 6.16 -19.75
C CYS C 289 7.02 6.85 -20.78
N VAL C 290 6.65 6.17 -21.85
CA VAL C 290 5.78 6.77 -22.85
C VAL C 290 4.41 7.07 -22.25
N LEU C 291 3.86 6.15 -21.46
CA LEU C 291 2.57 6.42 -20.84
C LEU C 291 2.67 7.60 -19.89
N ALA C 292 3.73 7.67 -19.09
CA ALA C 292 3.90 8.78 -18.16
C ALA C 292 4.04 10.11 -18.90
N CYS C 293 4.77 10.12 -20.00
CA CYS C 293 4.98 11.36 -20.74
C CYS C 293 3.69 11.82 -21.43
N ILE C 294 2.88 10.88 -21.89
CA ILE C 294 1.60 11.28 -22.46
C ILE C 294 0.72 11.94 -21.39
N ALA C 295 0.50 11.25 -20.27
CA ALA C 295 -0.36 11.78 -19.22
C ALA C 295 0.10 13.06 -18.54
N ILE C 296 1.39 13.19 -18.25
CA ILE C 296 1.89 14.37 -17.53
C ILE C 296 2.26 15.49 -18.51
N GLY C 297 2.14 15.19 -19.79
CA GLY C 297 2.37 16.22 -20.78
C GLY C 297 1.02 16.84 -21.04
N GLY C 298 0.50 16.67 -22.23
CA GLY C 298 -0.81 17.21 -22.58
C GLY C 298 -2.08 16.74 -21.89
N MET C 299 -2.19 15.45 -21.58
CA MET C 299 -3.46 14.92 -21.05
C MET C 299 -4.11 15.43 -19.76
N PHE C 300 -3.37 15.59 -18.67
CA PHE C 300 -4.03 15.97 -17.41
C PHE C 300 -3.48 17.31 -16.96
N TYR C 301 -2.30 17.63 -17.43
CA TYR C 301 -1.72 18.95 -17.18
C TYR C 301 -1.78 19.75 -18.47
N ALA C 302 -2.12 21.03 -18.36
CA ALA C 302 -2.16 21.88 -19.54
C ALA C 302 -0.76 22.02 -20.13
N LEU C 303 -0.67 21.91 -21.45
CA LEU C 303 0.63 21.88 -22.11
C LEU C 303 1.30 23.25 -22.01
N THR C 304 2.32 23.32 -21.16
CA THR C 304 3.19 24.49 -21.05
C THR C 304 4.60 23.95 -20.99
N TRP C 305 5.58 24.80 -21.34
CA TRP C 305 6.97 24.35 -21.30
C TRP C 305 7.31 23.81 -19.92
N GLN C 306 6.78 24.43 -18.86
CA GLN C 306 6.96 23.88 -17.52
C GLN C 306 6.34 22.49 -17.43
N THR C 307 5.14 22.32 -17.98
CA THR C 307 4.50 21.01 -18.00
C THR C 307 5.29 20.00 -18.82
N HIS C 308 5.88 20.43 -19.93
CA HIS C 308 6.65 19.49 -20.75
C HIS C 308 7.92 19.04 -20.04
N LEU C 309 8.62 19.94 -19.37
CA LEU C 309 9.76 19.50 -18.57
C LEU C 309 9.32 18.63 -17.40
N LEU C 310 8.15 18.92 -16.82
CA LEU C 310 7.61 18.02 -15.81
C LEU C 310 7.34 16.65 -16.39
N ALA C 311 6.90 16.59 -17.65
CA ALA C 311 6.65 15.31 -18.29
C ALA C 311 7.92 14.53 -18.52
N VAL C 312 8.99 15.21 -18.95
CA VAL C 312 10.27 14.53 -19.14
C VAL C 312 10.81 14.04 -17.79
N ALA C 313 10.69 14.87 -16.76
CA ALA C 313 11.12 14.45 -15.43
C ALA C 313 10.31 13.27 -14.93
N CYS C 314 9.00 13.27 -15.20
CA CYS C 314 8.15 12.14 -14.82
C CYS C 314 8.52 10.89 -15.60
N ALA C 315 8.94 11.06 -16.86
CA ALA C 315 9.38 9.91 -17.64
C ALA C 315 10.65 9.31 -17.06
N PHE C 316 11.60 10.16 -16.65
CA PHE C 316 12.82 9.66 -16.02
C PHE C 316 12.50 8.97 -14.70
N PHE C 317 11.58 9.52 -13.91
CA PHE C 317 11.27 8.91 -12.63
C PHE C 317 10.68 7.59 -12.89
N CYS C 318 9.85 7.52 -13.94
CA CYS C 318 9.16 6.29 -14.26
C CYS C 318 10.08 5.16 -14.61
N ALA C 319 11.19 5.48 -15.25
CA ALA C 319 12.18 4.47 -15.57
C ALA C 319 12.79 3.86 -14.32
N TYR C 320 13.05 4.72 -13.34
CA TYR C 320 13.57 4.23 -12.07
C TYR C 320 12.54 3.31 -11.45
N LEU C 321 11.27 3.68 -11.54
CA LEU C 321 10.21 2.84 -11.00
C LEU C 321 10.18 1.50 -11.71
N GLY C 322 10.36 1.51 -13.02
CA GLY C 322 10.39 0.27 -13.78
C GLY C 322 11.54 -0.62 -13.35
N SER C 323 12.70 -0.03 -13.11
CA SER C 323 13.80 -0.84 -12.62
C SER C 323 13.47 -1.35 -11.23
N ALA C 324 12.92 -0.49 -10.37
CA ALA C 324 12.55 -0.86 -9.05
C ALA C 324 11.41 -1.78 -8.92
N ILE C 325 10.36 -1.57 -9.66
CA ILE C 325 9.18 -2.36 -9.51
C ILE C 325 9.49 -3.62 -10.23
N GLY C 326 10.32 -3.59 -11.23
CA GLY C 326 10.70 -4.84 -11.82
C GLY C 326 11.51 -5.70 -10.88
N ASN C 327 12.49 -5.11 -10.21
CA ASN C 327 13.28 -5.87 -9.26
C ASN C 327 12.46 -6.32 -8.05
N VAL C 328 11.58 -5.47 -7.53
CA VAL C 328 10.84 -5.85 -6.33
C VAL C 328 9.81 -6.92 -6.64
N MET C 329 9.26 -6.91 -7.87
CA MET C 329 8.25 -7.90 -8.22
C MET C 329 8.83 -9.15 -8.85
N SER C 330 10.11 -9.14 -9.24
CA SER C 330 10.70 -10.37 -9.75
C SER C 330 10.85 -11.42 -8.67
N ASN C 331 10.84 -11.02 -7.40
CA ASN C 331 10.89 -12.00 -6.32
C ASN C 331 9.60 -12.80 -6.24
N PHE C 332 8.47 -12.17 -6.57
CA PHE C 332 7.17 -12.83 -6.55
C PHE C 332 6.89 -13.58 -7.84
N GLY C 333 7.81 -13.57 -8.79
CA GLY C 333 7.53 -14.11 -10.11
C GLY C 333 6.52 -13.29 -10.88
N LEU C 334 6.51 -12.00 -10.75
CA LEU C 334 5.53 -11.19 -11.41
C LEU C 334 6.24 -10.20 -12.27
N PRO C 335 5.61 -9.71 -13.31
CA PRO C 335 6.18 -8.69 -14.14
C PRO C 335 5.93 -7.32 -13.58
N ALA C 336 6.57 -6.28 -14.08
CA ALA C 336 6.24 -4.94 -13.61
C ALA C 336 5.50 -4.44 -14.75
N CYS C 337 4.22 -4.31 -14.64
CA CYS C 337 3.47 -3.97 -15.78
C CYS C 337 2.60 -2.83 -15.58
N THR C 338 3.08 -1.66 -15.92
CA THR C 338 2.29 -0.47 -15.82
C THR C 338 2.18 -0.02 -14.41
N TRP C 339 2.73 -0.75 -13.47
CA TRP C 339 2.76 -0.29 -12.11
C TRP C 339 3.65 0.92 -12.10
N PRO C 340 4.73 0.92 -12.86
CA PRO C 340 5.49 2.14 -12.82
C PRO C 340 4.84 3.43 -13.27
N PHE C 341 4.05 3.44 -14.32
CA PHE C 341 3.38 4.61 -14.81
C PHE C 341 2.40 5.14 -13.87
N CYS C 342 1.63 4.28 -13.29
CA CYS C 342 0.60 4.76 -12.46
C CYS C 342 1.24 5.40 -11.30
N LEU C 343 2.28 4.80 -10.76
CA LEU C 343 2.81 5.36 -9.56
C LEU C 343 3.55 6.64 -9.84
N SER C 344 4.11 6.81 -11.02
CA SER C 344 4.73 8.11 -11.36
C SER C 344 3.74 9.20 -11.73
N ALA C 345 2.84 8.90 -12.66
CA ALA C 345 1.84 9.89 -13.07
C ALA C 345 0.99 10.34 -11.88
N LEU C 346 0.63 9.40 -10.99
CA LEU C 346 -0.11 9.79 -9.79
C LEU C 346 0.72 10.70 -8.90
N THR C 347 2.02 10.41 -8.77
CA THR C 347 2.87 11.25 -7.94
C THR C 347 3.00 12.64 -8.51
N PHE C 348 3.18 12.75 -9.83
CA PHE C 348 3.35 14.05 -10.45
C PHE C 348 2.05 14.81 -10.59
N LEU C 349 0.91 14.12 -10.50
CA LEU C 349 -0.37 14.80 -10.52
C LEU C 349 -0.83 15.25 -9.14
N LEU C 350 -0.14 14.81 -8.09
CA LEU C 350 -0.48 15.21 -6.73
C LEU C 350 0.37 16.35 -6.20
N ILE C 351 1.41 16.75 -6.92
CA ILE C 351 2.29 17.80 -6.42
C ILE C 351 1.58 19.15 -6.49
N THR C 352 1.70 19.92 -5.41
CA THR C 352 1.11 21.24 -5.33
C THR C 352 2.22 22.27 -5.38
N THR C 353 2.09 23.24 -6.28
CA THR C 353 3.06 24.30 -6.46
C THR C 353 2.35 25.64 -6.37
N GLU C 354 3.14 26.70 -6.21
CA GLU C 354 2.62 28.05 -6.22
C GLU C 354 2.65 28.70 -7.60
N THR C 355 3.06 27.95 -8.62
CA THR C 355 3.09 28.47 -9.98
C THR C 355 1.77 28.18 -10.68
N LYS C 356 1.27 29.17 -11.41
CA LYS C 356 0.04 29.02 -12.17
C LYS C 356 0.28 28.44 -13.55
N PHE C 357 1.53 28.11 -13.88
CA PHE C 357 1.87 27.53 -15.17
C PHE C 357 1.83 26.01 -15.18
N ILE C 358 2.01 25.37 -14.02
CA ILE C 358 1.79 23.93 -13.89
C ILE C 358 0.33 23.78 -13.48
N HIS C 359 -0.55 23.74 -14.47
CA HIS C 359 -1.99 23.76 -14.25
C HIS C 359 -2.55 22.36 -14.38
N LYS C 360 -3.22 21.89 -13.33
CA LYS C 360 -3.84 20.57 -13.32
C LYS C 360 -5.28 20.71 -13.76
N LEU C 361 -5.65 19.98 -14.81
CA LEU C 361 -6.97 20.11 -15.37
C LEU C 361 -7.99 19.31 -14.54
N PRO C 362 -9.27 19.77 -14.51
CA PRO C 362 -10.24 18.89 -13.81
C PRO C 362 -10.48 17.65 -14.66
N LEU C 363 -10.86 16.54 -14.05
CA LEU C 363 -11.02 15.29 -14.81
C LEU C 363 -12.08 15.29 -15.91
N ALA C 364 -13.23 15.88 -15.65
CA ALA C 364 -14.30 15.93 -16.64
C ALA C 364 -13.86 16.72 -17.86
N LYS C 365 -13.16 17.82 -17.63
CA LYS C 365 -12.69 18.68 -18.73
C LYS C 365 -11.59 18.03 -19.57
N VAL C 366 -10.87 17.07 -19.01
CA VAL C 366 -9.75 16.46 -19.72
C VAL C 366 -10.16 15.79 -21.03
N ALA C 367 -9.39 16.02 -22.09
CA ALA C 367 -9.66 15.39 -23.38
C ALA C 367 -8.28 15.21 -24.03
N TYR C 368 -8.22 15.10 -25.36
CA TYR C 368 -6.92 15.02 -26.00
C TYR C 368 -6.19 16.34 -25.87
N PRO C 369 -4.85 16.31 -25.91
CA PRO C 369 -4.07 17.50 -25.50
C PRO C 369 -4.41 18.78 -26.25
N GLU C 370 -4.90 18.69 -27.48
CA GLU C 370 -5.29 19.90 -28.20
C GLU C 370 -6.49 20.57 -27.56
N GLN C 371 -7.52 19.80 -27.20
CA GLN C 371 -8.66 20.39 -26.50
C GLN C 371 -8.26 20.89 -25.14
N ASN C 372 -7.35 20.20 -24.47
CA ASN C 372 -6.86 20.68 -23.17
C ASN C 372 -6.17 22.02 -23.33
N LEU C 373 -5.36 22.15 -24.37
CA LEU C 373 -4.66 23.41 -24.62
C LEU C 373 -5.66 24.53 -24.94
N ARG C 374 -6.66 24.24 -25.75
CA ARG C 374 -7.66 25.24 -26.10
C ARG C 374 -8.47 25.66 -24.87
N TYR C 375 -8.84 24.70 -24.04
CA TYR C 375 -9.56 25.00 -22.81
C TYR C 375 -8.72 25.86 -21.88
N TYR C 376 -7.44 25.53 -21.75
CA TYR C 376 -6.55 26.32 -20.92
C TYR C 376 -6.44 27.75 -21.44
N TRP C 377 -6.37 27.89 -22.73
CA TRP C 377 -6.15 29.20 -23.24
C TRP C 377 -7.38 30.04 -23.14
N LYS C 378 -8.53 29.46 -23.31
CA LYS C 378 -9.74 30.22 -23.14
C LYS C 378 -9.88 30.66 -21.73
N MET C 379 -9.54 29.81 -20.80
CA MET C 379 -9.69 30.14 -19.42
C MET C 379 -8.83 31.33 -19.10
N LYS C 380 -7.61 31.36 -19.58
CA LYS C 380 -6.74 32.45 -19.27
C LYS C 380 -7.21 33.74 -19.87
N LYS C 381 -7.73 33.68 -21.07
CA LYS C 381 -8.26 34.87 -21.69
C LYS C 381 -9.39 35.33 -20.84
C13 A1LU9 D . 18.76 -2.56 8.26
C15 A1LU9 D . 20.50 -4.45 7.61
C17 A1LU9 D . 21.10 -1.90 7.32
C21 A1LU9 D . 20.69 -8.38 7.28
C01 A1LU9 D . 17.96 5.44 8.40
C02 A1LU9 D . 18.90 4.29 8.64
O03 A1LU9 D . 17.54 5.63 7.31
C04 A1LU9 D . 17.57 6.36 9.54
C05 A1LU9 D . 20.08 4.43 9.32
C06 A1LU9 D . 20.68 3.22 9.35
C07 A1LU9 D . 19.86 2.35 8.70
O08 A1LU9 D . 18.77 3.00 8.26
C09 A1LU9 D . 20.23 0.89 8.53
O10 A1LU9 D . 21.32 0.59 8.88
N11 A1LU9 D . 19.33 -0.09 7.98
C12 A1LU9 D . 19.74 -1.49 7.85
C14 A1LU9 D . 19.14 -4.04 8.15
C16 A1LU9 D . 21.48 -3.37 7.20
N18 A1LU9 D . 20.91 -5.83 7.49
C19 A1LU9 D . 20.05 -7.00 7.41
O20 A1LU9 D . 18.87 -6.93 7.45
C13 A1LU9 E . 5.45 19.89 10.03
C15 A1LU9 E . 3.73 21.03 8.39
C17 A1LU9 E . 4.99 18.84 7.66
C21 A1LU9 E . 0.77 23.32 7.21
C01 A1LU9 E . 11.17 13.90 10.19
C02 A1LU9 E . 10.00 14.81 9.96
O03 A1LU9 E . 11.02 12.79 10.52
C04 A1LU9 E . 12.55 14.45 9.98
C05 A1LU9 E . 8.76 14.32 9.70
C06 A1LU9 E . 7.92 15.35 9.56
C07 A1LU9 E . 8.65 16.48 9.77
O08 A1LU9 E . 9.94 16.17 10.02
C09 A1LU9 E . 7.98 17.82 9.68
O10 A1LU9 E . 8.52 18.82 9.97
N11 A1LU9 E . 6.62 17.73 9.20
C12 A1LU9 E . 5.71 18.82 8.99
C14 A1LU9 E . 4.47 21.00 9.72
C16 A1LU9 E . 4.00 19.95 7.36
N18 A1LU9 E . 2.82 22.12 8.14
C19 A1LU9 E . 1.62 22.05 7.35
O20 A1LU9 E . 1.24 21.07 6.81
C13 A1LU9 F . -2.23 -20.05 4.49
C15 A1LU9 F . -0.30 -21.87 4.45
C17 A1LU9 F . -1.62 -21.34 6.68
C21 A1LU9 F . 2.47 -23.26 2.03
C01 A1LU9 F . -7.53 -16.62 9.47
C02 A1LU9 F . -6.86 -17.91 9.08
O03 A1LU9 F . -6.87 -15.73 9.90
C04 A1LU9 F . -9.03 -16.47 9.35
C05 A1LU9 F . -7.30 -19.13 9.49
C06 A1LU9 F . -6.48 -20.06 8.98
C07 A1LU9 F . -5.54 -19.42 8.24
O08 A1LU9 F . -5.76 -18.09 8.30
C09 A1LU9 F . -4.44 -20.17 7.52
O10 A1LU9 F . -4.37 -21.32 7.75
N11 A1LU9 F . -3.50 -19.53 6.62
C12 A1LU9 F . -2.47 -20.30 5.96
C14 A1LU9 F . -1.15 -20.83 3.74
C16 A1LU9 F . -0.55 -22.13 5.93
N18 A1LU9 F . 0.72 -22.65 3.80
C19 A1LU9 F . 1.41 -22.31 2.56
O20 A1LU9 F . 1.18 -21.32 1.94
C13 A1LU9 G . -19.58 -1.88 11.78
C15 A1LU9 G . -19.28 0.67 12.40
C17 A1LU9 G . -17.16 -0.82 11.93
C21 A1LU9 G . -20.21 4.44 12.92
C01 A1LU9 G . -15.15 -8.80 10.72
C02 A1LU9 G . -15.71 -7.41 10.80
O03 A1LU9 G . -14.71 -9.20 9.71
C04 A1LU9 G . -15.15 -9.65 11.94
C05 A1LU9 G . -15.35 -6.44 9.91
C06 A1LU9 G . -16.01 -5.32 10.23
C07 A1LU9 G . -16.80 -5.62 11.31
O08 A1LU9 G . -16.62 -6.90 11.68
C09 A1LU9 G . -17.67 -4.54 11.90
O10 A1LU9 G . -18.46 -4.77 12.73
N11 A1LU9 G . -17.41 -3.24 11.32
C12 A1LU9 G . -18.07 -2.02 11.68
C14 A1LU9 G . -20.18 -0.54 12.14
C16 A1LU9 G . -17.77 0.51 12.31
N18 A1LU9 G . -19.90 1.91 12.76
C19 A1LU9 G . -19.41 3.24 12.45
O20 A1LU9 G . -18.42 3.42 11.83
C13 A1LU9 H . 9.05 -7.18 -17.14
C15 A1LU9 H . 10.47 -9.40 -17.32
C17 A1LU9 H . 8.27 -9.08 -18.75
C21 A1LU9 H . 13.56 -11.14 -15.61
C01 A1LU9 H . 2.38 -3.75 -20.06
C02 A1LU9 H . 3.58 -4.59 -20.41
O03 A1LU9 H . 1.58 -4.16 -19.32
C04 A1LU9 H . 2.19 -2.39 -20.72
C05 A1LU9 H . 3.99 -4.83 -21.68
C06 A1LU9 H . 5.07 -5.61 -21.63
C07 A1LU9 H . 5.36 -5.85 -20.32
O08 A1LU9 H . 4.43 -5.22 -19.55
C09 A1LU9 H . 6.52 -6.71 -19.88
O10 A1LU9 H . 7.09 -7.27 -20.75
N11 A1LU9 H . 6.91 -6.87 -18.51
C12 A1LU9 H . 8.04 -7.71 -18.15
C14 A1LU9 H . 10.25 -8.01 -16.73
C16 A1LU9 H . 9.47 -9.93 -18.35
N18 A1LU9 H . 11.60 -10.24 -16.99
C19 A1LU9 H . 12.41 -10.15 -15.78
O20 A1LU9 H . 12.22 -9.35 -14.94
C13 A1LU9 I . -10.30 10.43 -17.62
C15 A1LU9 I . -12.36 10.81 -16.02
C17 A1LU9 I . -10.78 8.73 -15.66
C21 A1LU9 I . -15.27 12.68 -14.18
C01 A1LU9 I . -4.53 4.79 -19.45
C02 A1LU9 I . -5.54 5.70 -18.84
O03 A1LU9 I . -3.44 4.72 -19.01
C04 A1LU9 I . -4.91 3.96 -20.63
C05 A1LU9 I . -5.44 6.13 -17.55
C06 A1LU9 I . -6.48 6.94 -17.30
C07 A1LU9 I . -7.21 7.01 -18.45
O08 A1LU9 I . -6.65 6.25 -19.41
C09 A1LU9 I . -8.46 7.85 -18.47
O10 A1LU9 I . -9.06 8.07 -19.46
N11 A1LU9 I . -8.81 8.35 -17.16
C12 A1LU9 I . -9.95 9.17 -16.84
C14 A1LU9 I . -11.51 11.24 -17.20
C16 A1LU9 I . -11.99 9.54 -15.25
N18 A1LU9 I . -13.51 11.60 -15.67
C19 A1LU9 I . -14.05 11.79 -14.34
O20 A1LU9 I . -13.56 11.31 -13.38
#